data_4UMZ
#
_entry.id   4UMZ
#
_cell.length_a   59.061
_cell.length_b   110.703
_cell.length_c   151.626
_cell.angle_alpha   90.00
_cell.angle_beta   90.00
_cell.angle_gamma   90.00
#
_symmetry.space_group_name_H-M   'P 21 21 21'
#
loop_
_entity.id
_entity.type
_entity.pdbx_description
1 polymer 'CYTOCHROME P450 HYDROXYLASE PIKC'
2 non-polymer 'PROTOPORPHYRIN IX CONTAINING FE'
3 non-polymer '(3R,4S,5S,7R,9E,11R,12R)-12-ethyl-3,5,7,11-tetramethyl-2,8-dioxooxacyclododec-9-en-4-yl 2-[(dimethylamino)methyl]benzoate'
4 water water
#
_entity_poly.entity_id   1
_entity_poly.type   'polypeptide(L)'
_entity_poly.pdbx_seq_one_letter_code
;MGSSHHHHHHSSGLVPRGSHMRRTQQGTTASPPVLDLGALGQDFAADPYPTYARLRAEGPAHRVRTPEGNEVWLVVGYDR
ARAVLADPRFSKDWRNSTTPLTEAEAALNHNMLESDPPRHTRLRKLVAREFTMRRVELLRPRVQEIVDGLVDAMLAAPDG
RADLMESLAWPLPITVISELLGVPEPDRAAFRVWTDAFVFPDDPAQAQTAMAEMSGYLSRLIDSKRGQDGEDLLSALVRT
SDEDGSRLTSEELLGMAHILLVAGHETTVNLIANGMYALLSHPDQLAALRADMTLLDGAVEEMLRYEGPVESATYRFPVE
PVDLDGTVIPAGDTVLVVLADAHRTPERFPDPHRFDIRRDTAGHLAFGHGIHFCIGAPLARLEARIAVRALLERCPDLAL
DVSPGELVWYPNPMIRGLKALPIRWRRGREAGRRTG
;
_entity_poly.pdbx_strand_id   A,B
#
loop_
_chem_comp.id
_chem_comp.type
_chem_comp.name
_chem_comp.formula
HEM non-polymer 'PROTOPORPHYRIN IX CONTAINING FE' 'C34 H32 Fe N4 O4'
XJO non-polymer '(3R,4S,5S,7R,9E,11R,12R)-12-ethyl-3,5,7,11-tetramethyl-2,8-dioxooxacyclododec-9-en-4-yl 2-[(dimethylamino)methyl]benzoate' 'C27 H39 N O5'
#
# COMPACT_ATOMS: atom_id res chain seq x y z
N PRO A 32 -28.84 0.79 15.63
CA PRO A 32 -27.74 1.64 16.09
C PRO A 32 -27.98 3.12 15.74
N PRO A 33 -26.98 4.00 15.97
CA PRO A 33 -27.11 5.32 15.32
C PRO A 33 -26.78 5.22 13.82
N VAL A 34 -27.04 6.31 13.11
CA VAL A 34 -26.54 6.50 11.75
C VAL A 34 -24.99 6.54 11.80
N LEU A 35 -24.35 6.00 10.78
CA LEU A 35 -22.89 5.99 10.67
C LEU A 35 -22.40 7.01 9.64
N ASP A 36 -21.59 7.99 10.05
CA ASP A 36 -21.10 8.95 9.07
C ASP A 36 -19.87 8.45 8.37
N LEU A 37 -19.96 8.32 7.05
CA LEU A 37 -18.85 7.85 6.23
C LEU A 37 -17.87 8.95 5.80
N GLY A 38 -18.36 10.17 5.63
CA GLY A 38 -17.48 11.30 5.30
C GLY A 38 -16.52 11.56 6.44
N ALA A 39 -17.03 11.35 7.67
CA ALA A 39 -16.26 11.44 8.91
C ALA A 39 -15.46 10.17 9.22
N LEU A 40 -15.11 9.41 8.18
CA LEU A 40 -14.04 8.39 8.19
C LEU A 40 -12.99 8.92 7.23
N GLY A 41 -11.76 8.41 7.32
CA GLY A 41 -10.66 8.99 6.56
C GLY A 41 -10.82 8.95 5.04
N GLN A 42 -9.79 9.44 4.37
CA GLN A 42 -9.53 9.05 2.99
C GLN A 42 -9.28 7.52 2.98
N ASP A 43 -8.92 7.00 4.16
CA ASP A 43 -8.82 5.56 4.42
C ASP A 43 -10.06 4.77 4.03
N PHE A 44 -11.22 5.30 4.37
CA PHE A 44 -12.46 4.63 4.02
C PHE A 44 -12.68 4.63 2.52
N ALA A 45 -12.20 5.67 1.84
CA ALA A 45 -12.27 5.72 0.39
C ALA A 45 -11.22 4.80 -0.25
N ALA A 46 -10.04 4.79 0.35
CA ALA A 46 -8.95 3.99 -0.19
C ALA A 46 -9.23 2.49 0.00
N ASP A 47 -9.92 2.13 1.10
CA ASP A 47 -10.25 0.72 1.43
C ASP A 47 -11.49 0.65 2.30
N PRO A 48 -12.68 0.68 1.69
CA PRO A 48 -13.92 0.70 2.46
C PRO A 48 -14.37 -0.68 2.93
N TYR A 49 -13.70 -1.71 2.43
CA TYR A 49 -14.18 -3.06 2.55
C TYR A 49 -14.35 -3.54 4.01
N PRO A 50 -13.38 -3.25 4.92
CA PRO A 50 -13.55 -3.63 6.34
C PRO A 50 -14.71 -2.99 7.05
N THR A 51 -15.10 -1.79 6.65
CA THR A 51 -16.28 -1.16 7.19
C THR A 51 -17.52 -1.89 6.74
N TYR A 52 -17.54 -2.23 5.46
CA TYR A 52 -18.66 -2.95 4.92
C TYR A 52 -18.75 -4.31 5.57
N ALA A 53 -17.62 -4.99 5.72
CA ALA A 53 -17.57 -6.30 6.37
C ALA A 53 -18.00 -6.28 7.83
N ARG A 54 -17.71 -5.20 8.52
CA ARG A 54 -18.14 -5.09 9.90
C ARG A 54 -19.66 -4.94 9.97
N LEU A 55 -20.23 -4.05 9.15
CA LEU A 55 -21.70 -3.91 9.05
C LEU A 55 -22.34 -5.25 8.72
N ARG A 56 -21.72 -6.03 7.85
CA ARG A 56 -22.33 -7.27 7.42
C ARG A 56 -22.44 -8.21 8.60
N ALA A 57 -21.43 -8.24 9.48
CA ALA A 57 -21.50 -9.08 10.67
C ALA A 57 -22.63 -8.68 11.62
N GLU A 58 -23.05 -7.41 11.59
CA GLU A 58 -24.20 -6.97 12.41
C GLU A 58 -25.53 -7.33 11.80
N GLY A 59 -25.62 -7.26 10.48
CA GLY A 59 -26.88 -7.55 9.78
C GLY A 59 -26.87 -7.08 8.34
N PRO A 60 -28.00 -7.22 7.64
CA PRO A 60 -28.10 -6.84 6.21
C PRO A 60 -28.31 -5.33 5.84
N ALA A 61 -29.01 -4.56 6.66
CA ALA A 61 -29.43 -3.21 6.30
C ALA A 61 -29.02 -2.19 7.32
N HIS A 62 -28.35 -1.12 6.90
CA HIS A 62 -27.83 -0.13 7.82
C HIS A 62 -28.04 1.32 7.33
N ARG A 63 -28.52 2.22 8.20
CA ARG A 63 -28.68 3.64 7.85
C ARG A 63 -27.31 4.28 7.91
N VAL A 64 -26.95 5.07 6.93
CA VAL A 64 -25.66 5.72 6.94
C VAL A 64 -25.82 7.08 6.34
N ARG A 65 -24.74 7.87 6.37
CA ARG A 65 -24.71 9.17 5.80
C ARG A 65 -23.53 9.27 4.87
N THR A 66 -23.76 9.67 3.63
CA THR A 66 -22.69 9.75 2.65
C THR A 66 -21.79 10.96 2.87
N PRO A 67 -20.53 10.85 2.41
CA PRO A 67 -19.61 11.98 2.38
C PRO A 67 -20.20 13.22 1.67
N GLU A 68 -21.02 12.98 0.64
CA GLU A 68 -21.80 14.03 0.01
C GLU A 68 -22.84 14.68 0.99
N GLY A 69 -23.40 13.89 1.93
CA GLY A 69 -24.36 14.40 2.93
C GLY A 69 -25.72 13.67 3.05
N ASN A 70 -26.00 12.70 2.18
CA ASN A 70 -27.34 12.06 2.11
C ASN A 70 -27.58 10.88 3.09
N GLU A 71 -28.71 10.90 3.79
CA GLU A 71 -29.12 9.77 4.62
C GLU A 71 -29.62 8.65 3.70
N VAL A 72 -28.96 7.50 3.69
CA VAL A 72 -29.41 6.34 2.93
C VAL A 72 -29.26 4.99 3.67
N TRP A 73 -29.86 3.93 3.15
CA TRP A 73 -29.59 2.57 3.66
C TRP A 73 -28.51 1.90 2.84
N LEU A 74 -27.69 1.07 3.51
CA LEU A 74 -26.86 0.13 2.83
C LEU A 74 -27.40 -1.27 3.00
N VAL A 75 -27.33 -2.06 1.95
CA VAL A 75 -27.58 -3.47 2.07
C VAL A 75 -26.32 -4.20 1.71
N VAL A 76 -25.82 -5.02 2.66
CA VAL A 76 -24.56 -5.74 2.54
C VAL A 76 -24.76 -7.24 2.65
N GLY A 77 -23.82 -8.00 2.12
CA GLY A 77 -23.96 -9.47 2.05
C GLY A 77 -24.42 -10.02 0.68
N TYR A 78 -23.69 -10.98 0.14
CA TYR A 78 -24.10 -11.50 -1.15
C TYR A 78 -25.58 -11.91 -1.27
N ASP A 79 -26.03 -12.84 -0.45
CA ASP A 79 -27.37 -13.38 -0.69
C ASP A 79 -28.42 -12.28 -0.55
N ARG A 80 -28.19 -11.37 0.37
CA ARG A 80 -29.13 -10.29 0.54
C ARG A 80 -29.05 -9.28 -0.62
N ALA A 81 -27.86 -9.02 -1.09
CA ALA A 81 -27.68 -8.13 -2.22
C ALA A 81 -28.43 -8.67 -3.45
N ARG A 82 -28.13 -9.91 -3.76
CA ARG A 82 -28.61 -10.54 -4.96
C ARG A 82 -30.11 -10.44 -4.95
N ALA A 83 -30.69 -10.82 -3.82
CA ALA A 83 -32.12 -10.82 -3.65
C ALA A 83 -32.77 -9.43 -3.82
N VAL A 84 -32.24 -8.42 -3.15
CA VAL A 84 -32.77 -7.08 -3.24
C VAL A 84 -32.68 -6.57 -4.68
N LEU A 85 -31.63 -6.88 -5.43
CA LEU A 85 -31.49 -6.39 -6.80
C LEU A 85 -32.64 -6.90 -7.69
N ALA A 86 -33.15 -8.09 -7.35
CA ALA A 86 -34.20 -8.79 -8.11
C ALA A 86 -35.61 -8.72 -7.50
N ASP A 87 -35.76 -8.02 -6.37
CA ASP A 87 -37.01 -7.94 -5.65
C ASP A 87 -37.86 -6.75 -6.12
N PRO A 88 -39.04 -7.00 -6.71
CA PRO A 88 -39.89 -5.93 -7.24
C PRO A 88 -40.46 -4.95 -6.21
N ARG A 89 -40.49 -5.33 -4.94
CA ARG A 89 -40.82 -4.36 -3.89
C ARG A 89 -39.89 -3.16 -3.90
N PHE A 90 -38.70 -3.31 -4.50
CA PHE A 90 -37.70 -2.24 -4.53
C PHE A 90 -37.74 -1.54 -5.93
N SER A 91 -38.38 -0.38 -5.95
CA SER A 91 -38.67 0.30 -7.19
C SER A 91 -37.50 1.13 -7.58
N LYS A 92 -37.35 1.41 -8.86
CA LYS A 92 -36.36 2.40 -9.30
C LYS A 92 -37.02 3.68 -9.80
N ASP A 93 -38.34 3.76 -9.66
CA ASP A 93 -39.07 4.88 -10.14
C ASP A 93 -39.14 5.95 -9.06
N TRP A 94 -38.51 7.08 -9.31
CA TRP A 94 -38.50 8.20 -8.37
C TRP A 94 -39.87 8.69 -7.86
N ARG A 95 -40.96 8.36 -8.54
CA ARG A 95 -42.28 8.52 -7.94
C ARG A 95 -42.47 7.77 -6.61
N ASN A 96 -41.69 6.73 -6.36
CA ASN A 96 -41.76 6.01 -5.09
C ASN A 96 -40.78 6.54 -4.03
N SER A 97 -39.98 7.54 -4.35
CA SER A 97 -39.03 8.09 -3.40
C SER A 97 -39.60 9.30 -2.69
N THR A 98 -39.15 9.54 -1.46
CA THR A 98 -39.55 10.72 -0.71
C THR A 98 -38.48 11.79 -0.88
N THR A 99 -37.44 11.45 -1.62
CA THR A 99 -36.40 12.40 -1.91
C THR A 99 -36.78 13.22 -3.16
N PRO A 100 -36.67 14.54 -3.07
CA PRO A 100 -37.06 15.37 -4.16
C PRO A 100 -35.96 15.51 -5.19
N LEU A 101 -36.33 15.61 -6.44
CA LEU A 101 -35.41 15.99 -7.50
C LEU A 101 -35.43 17.49 -7.82
N THR A 102 -34.29 18.03 -8.21
CA THR A 102 -34.22 19.35 -8.81
C THR A 102 -34.79 19.33 -10.23
N GLU A 103 -35.02 20.51 -10.76
CA GLU A 103 -35.57 20.68 -12.12
C GLU A 103 -34.67 20.04 -13.15
N ALA A 104 -33.37 20.24 -13.01
CA ALA A 104 -32.41 19.68 -13.96
C ALA A 104 -32.34 18.16 -13.90
N GLU A 105 -32.44 17.57 -12.72
CA GLU A 105 -32.49 16.09 -12.55
C GLU A 105 -33.81 15.49 -13.12
N ALA A 106 -34.91 16.17 -12.89
CA ALA A 106 -36.22 15.74 -13.35
C ALA A 106 -36.25 15.64 -14.84
N ALA A 107 -35.71 16.64 -15.52
CA ALA A 107 -35.66 16.63 -16.97
C ALA A 107 -34.90 15.44 -17.60
N LEU A 108 -34.21 14.62 -16.80
CA LEU A 108 -33.41 13.50 -17.32
C LEU A 108 -33.73 12.11 -16.75
N ASN A 109 -34.70 11.99 -15.87
CA ASN A 109 -35.07 10.68 -15.28
C ASN A 109 -36.03 9.79 -16.13
N HIS A 110 -36.29 10.22 -17.36
CA HIS A 110 -37.14 9.46 -18.23
C HIS A 110 -36.32 8.38 -18.94
N ASN A 111 -35.64 7.54 -18.16
CA ASN A 111 -34.77 6.50 -18.68
C ASN A 111 -35.05 5.16 -18.05
N MET A 112 -34.47 4.10 -18.60
CA MET A 112 -34.97 2.77 -18.29
C MET A 112 -34.48 2.31 -16.92
N LEU A 113 -33.31 2.82 -16.53
CA LEU A 113 -32.69 2.44 -15.32
C LEU A 113 -33.39 3.06 -14.20
N GLU A 114 -34.10 4.13 -14.44
CA GLU A 114 -34.90 4.77 -13.39
C GLU A 114 -36.40 4.60 -13.66
N SER A 115 -36.77 3.37 -13.98
CA SER A 115 -38.15 2.93 -14.27
C SER A 115 -38.47 1.55 -13.71
N ASP A 116 -39.76 1.28 -13.49
CA ASP A 116 -40.25 -0.10 -13.36
C ASP A 116 -41.10 -0.50 -14.54
N PRO A 117 -41.37 -1.81 -14.67
CA PRO A 117 -42.37 -2.27 -15.61
C PRO A 117 -43.68 -1.55 -15.37
N PRO A 118 -44.46 -1.28 -16.44
CA PRO A 118 -44.18 -1.56 -17.84
C PRO A 118 -43.26 -0.55 -18.58
N ARG A 119 -43.03 0.62 -18.04
CA ARG A 119 -42.20 1.58 -18.76
C ARG A 119 -40.84 0.98 -19.07
N HIS A 120 -40.24 0.33 -18.07
CA HIS A 120 -38.90 -0.24 -18.26
C HIS A 120 -38.86 -1.22 -19.37
N THR A 121 -39.88 -2.04 -19.44
CA THR A 121 -40.00 -3.09 -20.46
C THR A 121 -40.06 -2.51 -21.86
N ARG A 122 -40.91 -1.49 -22.02
CA ARG A 122 -41.09 -0.81 -23.27
C ARG A 122 -39.79 -0.17 -23.71
N LEU A 123 -39.16 0.57 -22.80
CA LEU A 123 -37.95 1.31 -23.15
C LEU A 123 -36.83 0.37 -23.55
N ARG A 124 -36.64 -0.74 -22.81
CA ARG A 124 -35.51 -1.58 -23.12
C ARG A 124 -35.68 -2.34 -24.39
N LYS A 125 -36.91 -2.68 -24.76
CA LYS A 125 -37.16 -3.27 -26.10
C LYS A 125 -36.63 -2.45 -27.26
N LEU A 126 -36.60 -1.14 -27.13
CA LEU A 126 -36.17 -0.28 -28.24
C LEU A 126 -34.67 -0.43 -28.58
N VAL A 127 -33.84 -0.73 -27.60
CA VAL A 127 -32.43 -0.92 -27.88
C VAL A 127 -31.85 -2.33 -27.65
N ALA A 128 -32.62 -3.29 -27.19
CA ALA A 128 -32.04 -4.58 -26.87
C ALA A 128 -31.30 -5.23 -28.02
N ARG A 129 -31.90 -5.16 -29.21
CA ARG A 129 -31.30 -5.74 -30.40
C ARG A 129 -29.89 -5.15 -30.64
N GLU A 130 -29.70 -3.84 -30.43
CA GLU A 130 -28.40 -3.18 -30.70
C GLU A 130 -27.25 -3.64 -29.81
N PHE A 131 -27.55 -4.23 -28.64
CA PHE A 131 -26.52 -4.61 -27.64
C PHE A 131 -26.33 -6.11 -27.40
N THR A 132 -26.82 -6.95 -28.28
CA THR A 132 -26.57 -8.38 -28.17
C THR A 132 -25.11 -8.69 -28.42
N MET A 133 -24.72 -9.90 -28.05
CA MET A 133 -23.32 -10.30 -28.12
C MET A 133 -22.88 -10.31 -29.59
N ARG A 134 -23.73 -10.89 -30.42
CA ARG A 134 -23.55 -11.06 -31.85
C ARG A 134 -23.41 -9.69 -32.55
N ARG A 135 -24.18 -8.73 -32.10
CA ARG A 135 -24.18 -7.43 -32.73
C ARG A 135 -22.99 -6.58 -32.31
N VAL A 136 -22.70 -6.60 -31.01
CA VAL A 136 -21.49 -6.00 -30.47
C VAL A 136 -20.21 -6.63 -31.03
N GLU A 137 -20.25 -7.91 -31.36
CA GLU A 137 -19.05 -8.45 -31.99
C GLU A 137 -18.70 -7.72 -33.28
N LEU A 138 -19.69 -7.21 -34.03
CA LEU A 138 -19.41 -6.50 -35.28
C LEU A 138 -18.54 -5.25 -35.06
N LEU A 139 -18.49 -4.75 -33.82
CA LEU A 139 -17.70 -3.59 -33.50
C LEU A 139 -16.20 -3.92 -33.29
N ARG A 140 -15.86 -5.22 -33.19
CA ARG A 140 -14.50 -5.59 -32.77
C ARG A 140 -13.40 -4.94 -33.61
N PRO A 141 -13.51 -4.97 -34.96
CA PRO A 141 -12.43 -4.36 -35.76
C PRO A 141 -12.26 -2.89 -35.46
N ARG A 142 -13.35 -2.18 -35.29
CA ARG A 142 -13.25 -0.80 -35.05
C ARG A 142 -12.62 -0.59 -33.66
N VAL A 143 -13.11 -1.29 -32.64
CA VAL A 143 -12.60 -1.07 -31.29
C VAL A 143 -11.08 -1.36 -31.25
N GLN A 144 -10.66 -2.42 -31.91
CA GLN A 144 -9.27 -2.80 -31.96
C GLN A 144 -8.46 -1.64 -32.58
N GLU A 145 -9.00 -1.08 -33.65
CA GLU A 145 -8.40 0.04 -34.35
C GLU A 145 -8.29 1.28 -33.44
N ILE A 146 -9.29 1.50 -32.57
CA ILE A 146 -9.22 2.64 -31.62
C ILE A 146 -8.11 2.46 -30.53
N VAL A 147 -7.97 1.23 -30.05
CA VAL A 147 -7.06 0.89 -28.99
C VAL A 147 -5.63 0.94 -29.56
N ASP A 148 -5.44 0.34 -30.74
CA ASP A 148 -4.15 0.37 -31.40
C ASP A 148 -3.65 1.80 -31.48
N GLY A 149 -4.49 2.72 -31.93
CA GLY A 149 -4.07 4.10 -32.10
C GLY A 149 -3.79 4.74 -30.76
N LEU A 150 -4.55 4.37 -29.74
CA LEU A 150 -4.33 5.01 -28.46
C LEU A 150 -3.02 4.51 -27.77
N VAL A 151 -2.66 3.27 -28.05
CA VAL A 151 -1.50 2.66 -27.49
C VAL A 151 -0.25 3.13 -28.22
N ASP A 152 -0.25 3.08 -29.57
CA ASP A 152 0.74 3.79 -30.41
C ASP A 152 1.11 5.16 -29.82
N ALA A 153 0.10 5.98 -29.58
CA ALA A 153 0.36 7.29 -29.11
C ALA A 153 1.03 7.23 -27.75
N MET A 154 0.63 6.27 -26.91
CA MET A 154 1.15 6.23 -25.56
C MET A 154 2.62 5.88 -25.61
N LEU A 155 2.96 4.89 -26.40
CA LEU A 155 4.31 4.37 -26.49
C LEU A 155 5.28 5.34 -27.19
N ALA A 156 4.79 6.50 -27.60
CA ALA A 156 5.64 7.49 -28.20
C ALA A 156 6.29 8.26 -27.10
N ALA A 157 5.67 8.35 -25.93
CA ALA A 157 6.29 9.08 -24.83
C ALA A 157 7.79 8.72 -24.66
N PRO A 158 8.66 9.75 -24.52
CA PRO A 158 10.11 9.51 -24.63
C PRO A 158 10.72 8.78 -23.41
N ASP A 159 10.18 9.04 -22.22
CA ASP A 159 10.67 8.43 -20.98
C ASP A 159 9.93 7.14 -20.56
N GLY A 160 9.15 6.53 -21.44
CA GLY A 160 8.49 5.25 -21.12
C GLY A 160 7.45 5.27 -20.00
N ARG A 161 6.89 6.44 -19.71
CA ARG A 161 5.93 6.63 -18.65
C ARG A 161 4.63 7.19 -19.20
N ALA A 162 3.50 6.92 -18.55
CA ALA A 162 2.24 7.57 -18.91
C ALA A 162 1.27 7.49 -17.80
N ASP A 163 0.21 8.28 -17.92
CA ASP A 163 -0.97 8.04 -17.11
C ASP A 163 -1.96 7.25 -17.96
N LEU A 164 -2.31 6.10 -17.41
CA LEU A 164 -3.14 5.14 -18.12
C LEU A 164 -4.57 5.68 -18.33
N MET A 165 -5.05 6.49 -17.39
CA MET A 165 -6.34 7.11 -17.52
C MET A 165 -6.41 8.02 -18.70
N GLU A 166 -5.48 8.97 -18.79
CA GLU A 166 -5.50 9.92 -19.89
C GLU A 166 -5.23 9.25 -21.19
N SER A 167 -4.39 8.23 -21.19
CA SER A 167 -3.92 7.66 -22.47
C SER A 167 -4.82 6.61 -23.04
N LEU A 168 -5.68 6.02 -22.20
CA LEU A 168 -6.41 4.81 -22.62
C LEU A 168 -7.74 4.62 -21.95
N ALA A 169 -7.76 4.53 -20.64
CA ALA A 169 -8.97 4.10 -19.94
C ALA A 169 -10.06 5.15 -20.19
N TRP A 170 -9.64 6.39 -20.29
CA TRP A 170 -10.60 7.43 -20.57
C TRP A 170 -10.99 7.63 -22.07
N PRO A 171 -10.01 7.70 -22.97
CA PRO A 171 -10.46 7.96 -24.33
C PRO A 171 -11.18 6.83 -25.04
N LEU A 172 -10.88 5.58 -24.72
CA LEU A 172 -11.42 4.46 -25.51
C LEU A 172 -12.94 4.34 -25.42
N PRO A 173 -13.51 4.41 -24.20
CA PRO A 173 -14.95 4.28 -24.09
C PRO A 173 -15.76 5.44 -24.57
N ILE A 174 -15.30 6.67 -24.35
CA ILE A 174 -16.01 7.82 -24.93
C ILE A 174 -16.00 7.70 -26.43
N THR A 175 -14.89 7.23 -26.97
CA THR A 175 -14.76 7.20 -28.40
C THR A 175 -15.72 6.23 -29.01
N VAL A 176 -15.92 5.09 -28.33
CA VAL A 176 -16.77 4.02 -28.84
C VAL A 176 -18.21 4.47 -28.71
N ILE A 177 -18.57 4.97 -27.56
CA ILE A 177 -19.92 5.26 -27.36
C ILE A 177 -20.25 6.47 -28.23
N SER A 178 -19.28 7.35 -28.46
CA SER A 178 -19.54 8.51 -29.28
C SER A 178 -19.70 8.18 -30.75
N GLU A 179 -18.99 7.19 -31.27
CA GLU A 179 -19.23 6.85 -32.69
C GLU A 179 -20.58 6.21 -32.88
N LEU A 180 -20.95 5.43 -31.87
CA LEU A 180 -22.11 4.59 -31.86
C LEU A 180 -23.39 5.41 -31.89
N LEU A 181 -23.40 6.47 -31.10
CA LEU A 181 -24.48 7.35 -30.98
C LEU A 181 -24.44 8.55 -31.89
N GLY A 182 -23.26 8.93 -32.39
CA GLY A 182 -23.11 9.98 -33.42
C GLY A 182 -22.77 11.35 -32.84
N VAL A 183 -21.91 11.37 -31.83
CA VAL A 183 -21.45 12.60 -31.21
C VAL A 183 -20.22 13.05 -32.02
N PRO A 184 -20.31 14.20 -32.69
CA PRO A 184 -19.14 14.68 -33.42
C PRO A 184 -17.90 14.85 -32.52
N GLU A 185 -16.78 14.47 -33.10
CA GLU A 185 -15.45 14.67 -32.54
C GLU A 185 -15.28 15.92 -31.64
N PRO A 186 -15.56 17.14 -32.15
CA PRO A 186 -15.23 18.29 -31.33
C PRO A 186 -16.00 18.42 -30.03
N ASP A 187 -17.11 17.71 -29.91
CA ASP A 187 -18.01 17.88 -28.78
C ASP A 187 -17.67 16.95 -27.61
N ARG A 188 -16.83 15.95 -27.86
CA ARG A 188 -16.58 14.90 -26.87
C ARG A 188 -15.80 15.30 -25.60
N ALA A 189 -14.93 16.30 -25.69
CA ALA A 189 -14.15 16.68 -24.51
C ALA A 189 -15.09 17.10 -23.37
N ALA A 190 -16.12 17.88 -23.69
CA ALA A 190 -17.09 18.36 -22.71
C ALA A 190 -17.53 17.28 -21.76
N PHE A 191 -17.63 16.05 -22.24
CA PHE A 191 -18.14 14.94 -21.43
C PHE A 191 -17.25 14.56 -20.23
N ARG A 192 -15.92 14.66 -20.36
CA ARG A 192 -15.04 14.42 -19.19
C ARG A 192 -15.37 15.42 -18.11
N VAL A 193 -15.69 16.65 -18.52
CA VAL A 193 -15.98 17.70 -17.56
C VAL A 193 -17.34 17.48 -16.89
N TRP A 194 -18.35 17.20 -17.71
CA TRP A 194 -19.70 17.00 -17.21
C TRP A 194 -19.80 15.80 -16.27
N THR A 195 -19.24 14.66 -16.67
CA THR A 195 -19.24 13.47 -15.78
C THR A 195 -18.26 13.60 -14.60
N ASP A 196 -17.14 14.31 -14.77
CA ASP A 196 -16.25 14.61 -13.63
C ASP A 196 -17.07 15.25 -12.51
N ALA A 197 -18.00 16.13 -12.89
CA ALA A 197 -18.81 16.84 -11.90
C ALA A 197 -19.96 16.00 -11.31
N PHE A 198 -20.41 14.94 -12.01
CA PHE A 198 -21.43 14.01 -11.46
C PHE A 198 -20.79 13.10 -10.41
N VAL A 199 -19.57 12.62 -10.68
CA VAL A 199 -18.79 11.87 -9.68
C VAL A 199 -18.27 12.82 -8.60
N PHE A 200 -17.20 13.56 -8.90
CA PHE A 200 -16.48 14.35 -7.90
C PHE A 200 -16.62 15.84 -8.24
N PRO A 201 -17.75 16.47 -7.84
CA PRO A 201 -17.90 17.92 -8.02
C PRO A 201 -16.98 18.74 -7.11
N ASP A 202 -16.86 20.03 -7.41
CA ASP A 202 -16.27 21.01 -6.48
C ASP A 202 -17.37 21.45 -5.47
N ASP A 203 -18.62 21.54 -5.94
CA ASP A 203 -19.78 21.73 -5.06
C ASP A 203 -21.09 21.33 -5.77
N PRO A 204 -22.17 21.08 -5.00
CA PRO A 204 -23.53 20.84 -5.50
C PRO A 204 -23.96 21.62 -6.73
N ALA A 205 -23.77 22.94 -6.74
CA ALA A 205 -24.28 23.78 -7.81
C ALA A 205 -23.62 23.52 -9.17
N GLN A 206 -22.41 22.95 -9.19
CA GLN A 206 -21.75 22.68 -10.47
C GLN A 206 -22.20 21.34 -11.09
N ALA A 207 -22.67 20.41 -10.26
CA ALA A 207 -23.33 19.20 -10.77
C ALA A 207 -24.62 19.58 -11.51
N GLN A 208 -25.42 20.50 -10.95
CA GLN A 208 -26.66 20.97 -11.59
C GLN A 208 -26.42 21.75 -12.87
N THR A 209 -25.32 22.48 -12.90
CA THR A 209 -24.96 23.26 -14.08
C THR A 209 -24.51 22.32 -15.19
N ALA A 210 -23.64 21.39 -14.84
CA ALA A 210 -23.26 20.34 -15.79
C ALA A 210 -24.48 19.65 -16.38
N MET A 211 -25.40 19.24 -15.51
CA MET A 211 -26.61 18.57 -15.92
C MET A 211 -27.43 19.38 -16.93
N ALA A 212 -27.72 20.63 -16.58
CA ALA A 212 -28.43 21.55 -17.48
C ALA A 212 -27.65 21.75 -18.77
N GLU A 213 -26.33 21.80 -18.68
CA GLU A 213 -25.55 22.00 -19.87
C GLU A 213 -25.60 20.79 -20.73
N MET A 214 -25.55 19.61 -20.12
CA MET A 214 -25.54 18.38 -20.89
C MET A 214 -26.91 18.13 -21.55
N SER A 215 -27.96 18.38 -20.80
CA SER A 215 -29.30 18.24 -21.33
C SER A 215 -29.51 19.13 -22.58
N GLY A 216 -29.10 20.40 -22.49
CA GLY A 216 -29.23 21.35 -23.59
C GLY A 216 -28.42 20.94 -24.79
N TYR A 217 -27.20 20.46 -24.58
CA TYR A 217 -26.44 19.83 -25.67
C TYR A 217 -27.10 18.58 -26.32
N LEU A 218 -27.70 17.68 -25.55
CA LEU A 218 -28.28 16.46 -26.13
C LEU A 218 -29.52 16.86 -26.96
N SER A 219 -30.26 17.86 -26.51
CA SER A 219 -31.38 18.33 -27.36
C SER A 219 -30.92 18.90 -28.70
N ARG A 220 -29.86 19.70 -28.69
N ARG A 220 -29.89 19.73 -28.69
CA ARG A 220 -29.37 20.28 -29.92
CA ARG A 220 -29.36 20.25 -29.93
C ARG A 220 -28.80 19.18 -30.80
C ARG A 220 -28.98 19.06 -30.76
N LEU A 221 -28.17 18.17 -30.20
CA LEU A 221 -27.66 17.03 -30.98
C LEU A 221 -28.82 16.23 -31.61
N ILE A 222 -29.83 15.94 -30.79
CA ILE A 222 -30.97 15.18 -31.24
C ILE A 222 -31.58 15.96 -32.41
N ASP A 223 -31.82 17.26 -32.26
CA ASP A 223 -32.45 18.01 -33.34
C ASP A 223 -31.59 17.98 -34.57
N SER A 224 -30.28 17.98 -34.39
CA SER A 224 -29.36 17.94 -35.54
C SER A 224 -29.50 16.67 -36.38
N LYS A 225 -30.05 15.63 -35.78
CA LYS A 225 -30.17 14.36 -36.48
C LYS A 225 -31.44 14.28 -37.29
N ARG A 226 -32.48 14.97 -36.87
CA ARG A 226 -33.81 14.86 -37.45
C ARG A 226 -33.81 15.23 -38.92
N GLY A 227 -34.16 14.27 -39.74
CA GLY A 227 -34.36 14.53 -41.12
C GLY A 227 -33.11 14.27 -41.89
N GLN A 228 -32.03 13.83 -41.23
CA GLN A 228 -30.76 13.63 -41.97
C GLN A 228 -30.48 12.22 -42.45
N ASP A 229 -31.37 11.28 -42.15
CA ASP A 229 -31.27 9.95 -42.74
C ASP A 229 -29.99 9.27 -42.24
N GLY A 230 -29.52 9.61 -41.03
CA GLY A 230 -28.29 9.00 -40.54
C GLY A 230 -28.61 7.58 -40.03
N GLU A 231 -27.59 6.73 -39.98
CA GLU A 231 -27.73 5.34 -39.62
C GLU A 231 -27.12 4.96 -38.24
N ASP A 232 -26.59 5.96 -37.53
CA ASP A 232 -26.19 5.81 -36.15
C ASP A 232 -27.36 5.62 -35.16
N LEU A 233 -27.03 5.21 -33.94
CA LEU A 233 -28.07 4.80 -33.01
C LEU A 233 -28.97 5.94 -32.62
N LEU A 234 -28.44 7.16 -32.52
CA LEU A 234 -29.26 8.26 -32.09
C LEU A 234 -30.23 8.70 -33.21
N SER A 235 -29.81 8.64 -34.47
CA SER A 235 -30.70 8.95 -35.59
C SER A 235 -31.85 7.97 -35.54
N ALA A 236 -31.53 6.69 -35.34
CA ALA A 236 -32.56 5.61 -35.24
C ALA A 236 -33.58 5.89 -34.18
N LEU A 237 -33.11 6.31 -33.02
CA LEU A 237 -34.03 6.61 -31.96
C LEU A 237 -34.89 7.79 -32.27
N VAL A 238 -34.33 8.76 -32.97
CA VAL A 238 -35.09 9.98 -33.31
C VAL A 238 -36.25 9.56 -34.23
N ARG A 239 -35.95 8.73 -35.22
CA ARG A 239 -36.98 8.21 -36.07
C ARG A 239 -38.03 7.41 -35.25
N THR A 240 -37.61 6.61 -34.29
CA THR A 240 -38.59 5.78 -33.53
C THR A 240 -39.58 6.67 -32.78
N SER A 241 -39.03 7.69 -32.15
CA SER A 241 -39.84 8.68 -31.43
C SER A 241 -40.78 9.47 -32.35
N ASP A 242 -40.27 9.89 -33.49
CA ASP A 242 -41.04 10.72 -34.38
C ASP A 242 -42.16 9.85 -34.95
N GLU A 243 -41.85 8.63 -35.32
CA GLU A 243 -42.90 7.72 -35.86
C GLU A 243 -44.07 7.44 -34.90
N ASP A 244 -43.81 7.49 -33.58
CA ASP A 244 -44.83 7.10 -32.59
C ASP A 244 -44.39 7.56 -31.19
N GLY A 245 -44.87 8.75 -30.84
CA GLY A 245 -44.59 9.40 -29.58
C GLY A 245 -44.97 8.54 -28.40
N SER A 246 -45.89 7.61 -28.55
CA SER A 246 -46.29 6.74 -27.44
C SER A 246 -45.26 5.64 -27.17
N ARG A 247 -44.51 5.23 -28.20
CA ARG A 247 -43.40 4.28 -27.99
C ARG A 247 -42.17 4.89 -27.35
N LEU A 248 -41.91 6.17 -27.63
CA LEU A 248 -40.74 6.89 -27.17
C LEU A 248 -41.00 8.39 -27.29
N THR A 249 -41.28 8.98 -26.14
CA THR A 249 -41.59 10.37 -26.05
C THR A 249 -40.31 11.18 -26.17
N SER A 250 -40.44 12.48 -26.37
CA SER A 250 -39.24 13.25 -26.63
C SER A 250 -38.48 13.46 -25.32
N GLU A 251 -39.15 13.46 -24.19
CA GLU A 251 -38.41 13.37 -22.94
C GLU A 251 -37.68 12.03 -22.77
N GLU A 252 -38.36 10.93 -23.10
CA GLU A 252 -37.66 9.66 -23.03
C GLU A 252 -36.57 9.60 -24.11
N LEU A 253 -36.68 10.40 -25.18
CA LEU A 253 -35.65 10.30 -26.22
C LEU A 253 -34.32 10.86 -25.73
N LEU A 254 -34.45 11.98 -25.05
CA LEU A 254 -33.37 12.62 -24.39
C LEU A 254 -32.77 11.71 -23.29
N GLY A 255 -33.65 11.15 -22.49
CA GLY A 255 -33.28 10.31 -21.37
C GLY A 255 -32.52 9.12 -21.83
N MET A 256 -32.88 8.59 -22.99
CA MET A 256 -32.21 7.44 -23.50
C MET A 256 -30.83 7.75 -23.99
N ALA A 257 -30.68 8.86 -24.69
CA ALA A 257 -29.36 9.33 -25.10
C ALA A 257 -28.49 9.55 -23.87
N HIS A 258 -29.02 10.27 -22.92
CA HIS A 258 -28.29 10.49 -21.67
C HIS A 258 -27.78 9.21 -20.96
N ILE A 259 -28.67 8.27 -20.72
CA ILE A 259 -28.34 7.05 -20.05
C ILE A 259 -27.34 6.23 -20.87
N LEU A 260 -27.52 6.14 -22.16
CA LEU A 260 -26.55 5.39 -22.90
C LEU A 260 -25.15 5.96 -22.77
N LEU A 261 -25.03 7.29 -22.72
CA LEU A 261 -23.72 7.90 -22.65
C LEU A 261 -23.16 7.67 -21.30
N VAL A 262 -23.74 8.28 -20.30
CA VAL A 262 -23.28 8.13 -18.95
C VAL A 262 -23.05 6.69 -18.53
N ALA A 263 -24.07 5.86 -18.55
CA ALA A 263 -24.03 4.58 -17.86
C ALA A 263 -22.88 3.70 -18.28
N GLY A 264 -22.43 3.89 -19.50
CA GLY A 264 -21.44 3.01 -20.03
C GLY A 264 -20.03 3.52 -19.99
N HIS A 265 -19.85 4.67 -19.39
CA HIS A 265 -18.65 5.38 -19.68
C HIS A 265 -17.89 5.59 -18.40
N GLU A 266 -18.50 6.22 -17.42
CA GLU A 266 -17.93 6.18 -16.08
C GLU A 266 -17.56 4.75 -15.63
N THR A 267 -18.30 3.74 -16.07
CA THR A 267 -18.08 2.39 -15.60
C THR A 267 -16.96 1.70 -16.35
N THR A 268 -17.05 1.60 -17.64
CA THR A 268 -15.96 1.05 -18.45
C THR A 268 -14.60 1.74 -18.22
N VAL A 269 -14.58 3.02 -17.92
CA VAL A 269 -13.34 3.68 -17.73
C VAL A 269 -12.68 3.11 -16.49
N ASN A 270 -13.42 3.10 -15.40
CA ASN A 270 -12.86 2.64 -14.16
C ASN A 270 -12.64 1.13 -14.10
N LEU A 271 -13.36 0.35 -14.89
CA LEU A 271 -13.07 -1.07 -14.98
C LEU A 271 -11.70 -1.29 -15.54
N ILE A 272 -11.44 -0.69 -16.70
CA ILE A 272 -10.11 -0.75 -17.31
C ILE A 272 -9.00 -0.32 -16.33
N ALA A 273 -9.19 0.81 -15.67
CA ALA A 273 -8.18 1.37 -14.82
C ALA A 273 -7.97 0.51 -13.55
N ASN A 274 -9.06 0.27 -12.82
CA ASN A 274 -9.02 -0.63 -11.63
C ASN A 274 -8.48 -2.01 -11.96
N GLY A 275 -8.92 -2.56 -13.07
CA GLY A 275 -8.55 -3.92 -13.45
C GLY A 275 -7.08 -4.03 -13.71
N MET A 276 -6.54 -3.12 -14.50
CA MET A 276 -5.13 -3.07 -14.73
C MET A 276 -4.41 -2.79 -13.41
N TYR A 277 -4.98 -1.95 -12.57
CA TYR A 277 -4.37 -1.77 -11.26
C TYR A 277 -4.33 -3.09 -10.47
N ALA A 278 -5.35 -3.93 -10.59
CA ALA A 278 -5.31 -5.16 -9.83
C ALA A 278 -4.24 -6.08 -10.37
N LEU A 279 -4.16 -6.11 -11.66
CA LEU A 279 -3.21 -6.99 -12.26
C LEU A 279 -1.76 -6.55 -11.93
N LEU A 280 -1.51 -5.25 -11.90
CA LEU A 280 -0.16 -4.73 -11.83
C LEU A 280 0.30 -4.70 -10.41
N SER A 281 -0.64 -4.62 -9.49
CA SER A 281 -0.37 -4.78 -8.07
C SER A 281 -0.38 -6.25 -7.63
N HIS A 282 -0.69 -7.21 -8.52
CA HIS A 282 -0.60 -8.66 -8.24
C HIS A 282 0.28 -9.36 -9.29
N PRO A 283 1.59 -9.16 -9.17
CA PRO A 283 2.44 -9.55 -10.26
C PRO A 283 2.45 -11.05 -10.55
N ASP A 284 2.26 -11.90 -9.53
CA ASP A 284 2.02 -13.34 -9.79
C ASP A 284 0.97 -13.52 -10.91
N GLN A 285 -0.17 -12.81 -10.79
CA GLN A 285 -1.31 -12.97 -11.69
C GLN A 285 -1.02 -12.36 -13.04
N LEU A 286 -0.34 -11.23 -13.04
CA LEU A 286 0.10 -10.69 -14.30
C LEU A 286 0.99 -11.67 -15.06
N ALA A 287 1.92 -12.30 -14.35
CA ALA A 287 2.81 -13.27 -15.00
C ALA A 287 2.03 -14.41 -15.57
N ALA A 288 1.05 -14.88 -14.80
CA ALA A 288 0.26 -16.02 -15.24
C ALA A 288 -0.42 -15.72 -16.58
N LEU A 289 -1.05 -14.54 -16.66
CA LEU A 289 -1.78 -14.14 -17.86
C LEU A 289 -0.88 -13.92 -19.07
N ARG A 290 0.33 -13.40 -18.85
CA ARG A 290 1.31 -13.32 -19.96
C ARG A 290 1.60 -14.70 -20.52
N ALA A 291 2.04 -15.59 -19.65
CA ALA A 291 2.31 -16.99 -19.99
C ALA A 291 1.14 -17.74 -20.63
N ASP A 292 -0.11 -17.36 -20.32
CA ASP A 292 -1.27 -18.01 -20.95
C ASP A 292 -2.39 -17.04 -21.24
N MET A 293 -2.34 -16.42 -22.41
CA MET A 293 -3.37 -15.45 -22.78
C MET A 293 -4.77 -16.03 -23.03
N THR A 294 -4.96 -17.34 -22.97
CA THR A 294 -6.36 -17.86 -22.95
C THR A 294 -7.07 -17.49 -21.63
N LEU A 295 -6.31 -17.11 -20.63
CA LEU A 295 -6.85 -16.73 -19.32
C LEU A 295 -7.47 -15.33 -19.28
N LEU A 296 -7.36 -14.59 -20.38
CA LEU A 296 -7.76 -13.18 -20.40
C LEU A 296 -9.26 -12.90 -20.04
N ASP A 297 -10.18 -13.59 -20.68
CA ASP A 297 -11.61 -13.38 -20.35
C ASP A 297 -11.86 -13.64 -18.86
N GLY A 298 -11.39 -14.79 -18.34
CA GLY A 298 -11.44 -15.05 -16.90
C GLY A 298 -10.83 -13.92 -16.05
N ALA A 299 -9.72 -13.34 -16.47
CA ALA A 299 -9.10 -12.21 -15.74
C ALA A 299 -10.03 -11.01 -15.71
N VAL A 300 -10.61 -10.70 -16.84
CA VAL A 300 -11.53 -9.57 -16.91
C VAL A 300 -12.72 -9.78 -15.99
N GLU A 301 -13.26 -10.99 -15.93
CA GLU A 301 -14.36 -11.26 -14.97
C GLU A 301 -13.90 -11.10 -13.53
N GLU A 302 -12.67 -11.48 -13.22
CA GLU A 302 -12.18 -11.34 -11.84
C GLU A 302 -11.76 -9.92 -11.58
N MET A 303 -11.45 -9.15 -12.61
CA MET A 303 -11.30 -7.70 -12.39
C MET A 303 -12.62 -7.10 -11.97
N LEU A 304 -13.73 -7.63 -12.50
CA LEU A 304 -15.07 -7.13 -12.09
C LEU A 304 -15.51 -7.56 -10.71
N ARG A 305 -15.21 -8.80 -10.39
CA ARG A 305 -15.50 -9.32 -9.07
C ARG A 305 -14.65 -8.61 -7.99
N TYR A 306 -13.36 -8.52 -8.20
CA TYR A 306 -12.42 -7.94 -7.21
C TYR A 306 -12.49 -6.42 -7.06
N GLU A 307 -12.36 -5.69 -8.15
CA GLU A 307 -12.51 -4.27 -8.06
C GLU A 307 -13.26 -3.63 -9.22
N GLY A 308 -14.52 -3.97 -9.34
CA GLY A 308 -15.35 -3.44 -10.36
C GLY A 308 -15.76 -2.04 -10.01
N PRO A 309 -16.07 -1.24 -11.04
CA PRO A 309 -16.38 0.18 -10.82
C PRO A 309 -17.65 0.43 -10.03
N VAL A 310 -18.65 -0.46 -10.09
CA VAL A 310 -19.84 -0.20 -9.32
C VAL A 310 -19.78 -0.80 -7.93
N GLU A 311 -19.43 0.07 -7.00
CA GLU A 311 -19.29 -0.29 -5.59
C GLU A 311 -20.70 -0.51 -4.98
N SER A 312 -21.58 0.45 -5.22
CA SER A 312 -22.97 0.32 -4.81
C SER A 312 -23.85 0.54 -6.00
N ALA A 313 -24.93 -0.21 -6.09
CA ALA A 313 -25.90 -0.12 -7.16
C ALA A 313 -26.69 1.18 -7.06
N THR A 314 -27.49 1.46 -8.09
CA THR A 314 -28.17 2.72 -8.18
C THR A 314 -29.38 2.64 -7.31
N TYR A 315 -29.93 3.81 -7.01
CA TYR A 315 -30.91 3.97 -5.99
C TYR A 315 -32.11 3.09 -6.21
N ARG A 316 -32.65 2.62 -5.10
CA ARG A 316 -33.81 1.77 -5.03
C ARG A 316 -34.71 2.27 -3.92
N PHE A 317 -36.02 2.18 -4.10
CA PHE A 317 -36.96 2.76 -3.14
C PHE A 317 -38.06 1.79 -2.86
N PRO A 318 -38.23 1.40 -1.58
CA PRO A 318 -39.27 0.44 -1.28
C PRO A 318 -40.67 1.02 -1.48
N VAL A 319 -41.54 0.25 -2.14
CA VAL A 319 -42.95 0.64 -2.35
C VAL A 319 -43.81 0.37 -1.13
N GLU A 320 -43.28 -0.45 -0.21
CA GLU A 320 -43.95 -0.76 1.08
C GLU A 320 -42.84 -1.00 2.14
N PRO A 321 -43.16 -0.89 3.45
CA PRO A 321 -42.14 -1.21 4.47
C PRO A 321 -41.59 -2.60 4.19
N VAL A 322 -40.27 -2.76 4.32
CA VAL A 322 -39.67 -4.03 3.97
C VAL A 322 -38.80 -4.42 5.11
N ASP A 323 -38.94 -5.68 5.50
CA ASP A 323 -38.34 -6.21 6.71
C ASP A 323 -37.13 -7.03 6.33
N LEU A 324 -35.95 -6.67 6.83
CA LEU A 324 -34.75 -7.45 6.52
C LEU A 324 -34.06 -7.89 7.81
N ASP A 325 -34.20 -9.17 8.17
CA ASP A 325 -33.76 -9.67 9.49
C ASP A 325 -34.15 -8.75 10.63
N GLY A 326 -35.42 -8.36 10.62
CA GLY A 326 -35.96 -7.51 11.64
C GLY A 326 -35.57 -6.05 11.58
N THR A 327 -34.83 -5.62 10.57
CA THR A 327 -34.71 -4.17 10.35
C THR A 327 -35.73 -3.77 9.27
N VAL A 328 -36.59 -2.82 9.61
CA VAL A 328 -37.66 -2.40 8.74
C VAL A 328 -37.26 -1.13 8.04
N ILE A 329 -37.17 -1.23 6.72
CA ILE A 329 -36.80 -0.08 5.90
C ILE A 329 -38.09 0.56 5.44
N PRO A 330 -38.28 1.81 5.77
CA PRO A 330 -39.58 2.40 5.36
C PRO A 330 -39.76 2.64 3.85
N ALA A 331 -41.01 2.56 3.42
CA ALA A 331 -41.43 2.98 2.11
C ALA A 331 -40.82 4.33 1.76
N GLY A 332 -40.28 4.42 0.56
CA GLY A 332 -39.78 5.67 0.03
C GLY A 332 -38.35 6.02 0.27
N ASP A 333 -37.69 5.31 1.21
CA ASP A 333 -36.27 5.58 1.53
C ASP A 333 -35.35 5.15 0.42
N THR A 334 -34.16 5.74 0.38
CA THR A 334 -33.16 5.37 -0.57
C THR A 334 -32.32 4.17 -0.07
N VAL A 335 -32.19 3.14 -0.93
CA VAL A 335 -31.49 1.91 -0.63
C VAL A 335 -30.39 1.64 -1.65
N LEU A 336 -29.16 1.45 -1.14
CA LEU A 336 -27.98 1.15 -1.95
C LEU A 336 -27.53 -0.29 -1.71
N VAL A 337 -27.56 -1.12 -2.74
CA VAL A 337 -27.02 -2.45 -2.62
C VAL A 337 -25.50 -2.39 -2.82
N VAL A 338 -24.75 -2.75 -1.76
CA VAL A 338 -23.33 -2.63 -1.82
C VAL A 338 -22.71 -3.84 -2.45
N LEU A 339 -22.50 -3.73 -3.77
CA LEU A 339 -22.05 -4.82 -4.58
C LEU A 339 -20.63 -5.20 -4.20
N ALA A 340 -19.86 -4.21 -3.77
CA ALA A 340 -18.45 -4.46 -3.38
C ALA A 340 -18.45 -5.44 -2.23
N ASP A 341 -19.36 -5.26 -1.29
CA ASP A 341 -19.35 -6.14 -0.18
C ASP A 341 -19.88 -7.53 -0.56
N ALA A 342 -20.82 -7.62 -1.50
CA ALA A 342 -21.31 -8.94 -1.85
C ALA A 342 -20.20 -9.72 -2.42
N HIS A 343 -19.25 -9.01 -3.02
CA HIS A 343 -18.12 -9.62 -3.72
C HIS A 343 -17.00 -10.09 -2.83
N ARG A 344 -16.98 -9.57 -1.61
CA ARG A 344 -16.08 -10.07 -0.53
C ARG A 344 -16.76 -10.99 0.52
N THR A 345 -17.94 -11.52 0.22
CA THR A 345 -18.61 -12.41 1.13
C THR A 345 -18.03 -13.80 0.99
N PRO A 346 -17.29 -14.29 2.01
CA PRO A 346 -16.52 -15.56 1.86
C PRO A 346 -17.37 -16.80 1.70
N GLU A 347 -18.59 -16.78 2.18
CA GLU A 347 -19.43 -17.94 1.97
C GLU A 347 -19.72 -18.09 0.49
N ARG A 348 -19.55 -17.05 -0.32
CA ARG A 348 -19.92 -17.12 -1.73
C ARG A 348 -18.74 -16.99 -2.66
N PHE A 349 -17.75 -16.21 -2.24
CA PHE A 349 -16.45 -16.13 -2.97
C PHE A 349 -15.30 -16.52 -2.03
N PRO A 350 -14.88 -17.80 -2.07
CA PRO A 350 -13.86 -18.25 -1.09
C PRO A 350 -12.62 -17.41 -1.17
N ASP A 351 -11.93 -17.28 -0.05
CA ASP A 351 -10.70 -16.46 0.03
C ASP A 351 -10.90 -15.18 -0.82
N PRO A 352 -11.85 -14.32 -0.38
CA PRO A 352 -12.37 -13.20 -1.19
C PRO A 352 -11.37 -12.06 -1.44
N HIS A 353 -10.44 -11.84 -0.51
CA HIS A 353 -9.44 -10.75 -0.65
C HIS A 353 -8.36 -11.14 -1.60
N ARG A 354 -8.41 -12.36 -2.07
CA ARG A 354 -7.45 -12.81 -3.05
C ARG A 354 -7.88 -12.49 -4.48
N PHE A 355 -6.99 -11.83 -5.22
CA PHE A 355 -7.22 -11.58 -6.62
C PHE A 355 -6.68 -12.73 -7.42
N ASP A 356 -7.55 -13.47 -8.07
CA ASP A 356 -7.14 -14.70 -8.72
C ASP A 356 -7.97 -14.90 -9.96
N ILE A 357 -7.32 -14.75 -11.10
CA ILE A 357 -7.91 -14.70 -12.41
C ILE A 357 -8.45 -16.03 -12.93
N ARG A 358 -8.19 -17.10 -12.18
CA ARG A 358 -8.76 -18.41 -12.50
C ARG A 358 -9.96 -18.80 -11.64
N ARG A 359 -10.36 -17.89 -10.78
CA ARG A 359 -11.44 -18.14 -9.84
C ARG A 359 -12.76 -18.40 -10.59
N ASP A 360 -13.69 -19.08 -9.93
CA ASP A 360 -15.04 -19.21 -10.45
C ASP A 360 -15.78 -17.88 -10.15
N THR A 361 -16.02 -17.07 -11.17
CA THR A 361 -16.58 -15.73 -10.99
C THR A 361 -18.09 -15.68 -11.24
N ALA A 362 -18.66 -16.77 -11.77
CA ALA A 362 -20.07 -16.83 -12.14
C ALA A 362 -20.93 -16.40 -10.96
N GLY A 363 -21.78 -15.40 -11.17
CA GLY A 363 -22.65 -14.90 -10.10
C GLY A 363 -22.20 -13.56 -9.48
N HIS A 364 -21.11 -13.01 -9.97
CA HIS A 364 -20.81 -11.69 -9.46
C HIS A 364 -21.97 -10.78 -9.88
N LEU A 365 -22.16 -9.72 -9.11
CA LEU A 365 -23.15 -8.69 -9.35
C LEU A 365 -22.57 -7.40 -9.95
N ALA A 366 -21.39 -7.45 -10.50
CA ALA A 366 -20.81 -6.24 -11.10
C ALA A 366 -21.74 -5.60 -12.12
N PHE A 367 -22.43 -6.41 -12.93
CA PHE A 367 -23.43 -5.91 -13.87
C PHE A 367 -24.83 -5.91 -13.32
N GLY A 368 -24.95 -5.94 -12.01
CA GLY A 368 -26.28 -6.08 -11.39
C GLY A 368 -26.85 -7.48 -11.55
N HIS A 369 -28.15 -7.57 -11.37
CA HIS A 369 -28.84 -8.85 -11.48
C HIS A 369 -30.32 -8.50 -11.58
N GLY A 370 -31.07 -9.22 -12.38
CA GLY A 370 -32.48 -8.96 -12.50
C GLY A 370 -32.89 -8.23 -13.78
N ILE A 371 -34.03 -7.56 -13.72
CA ILE A 371 -34.56 -6.92 -14.93
C ILE A 371 -33.73 -5.78 -15.48
N HIS A 372 -32.91 -5.16 -14.63
CA HIS A 372 -32.01 -4.09 -15.04
C HIS A 372 -30.56 -4.53 -15.30
N PHE A 373 -30.27 -5.82 -15.20
CA PHE A 373 -28.97 -6.31 -15.58
C PHE A 373 -28.39 -5.55 -16.78
N CYS A 374 -27.09 -5.23 -16.72
CA CYS A 374 -26.46 -4.29 -17.66
C CYS A 374 -26.73 -4.64 -19.11
N ILE A 375 -27.31 -3.70 -19.85
CA ILE A 375 -27.50 -3.88 -21.30
C ILE A 375 -26.20 -3.79 -22.04
N GLY A 376 -25.21 -3.17 -21.40
CA GLY A 376 -23.95 -2.86 -22.06
C GLY A 376 -22.84 -3.88 -21.83
N ALA A 377 -23.11 -4.88 -21.03
CA ALA A 377 -22.04 -5.78 -20.63
C ALA A 377 -21.24 -6.44 -21.75
N PRO A 378 -21.86 -6.80 -22.88
CA PRO A 378 -21.10 -7.38 -23.99
C PRO A 378 -20.13 -6.38 -24.61
N LEU A 379 -20.49 -5.11 -24.56
CA LEU A 379 -19.65 -4.07 -25.05
C LEU A 379 -18.56 -3.75 -24.01
N ALA A 380 -18.94 -3.68 -22.74
CA ALA A 380 -17.93 -3.41 -21.69
C ALA A 380 -16.81 -4.42 -21.79
N ARG A 381 -17.21 -5.70 -21.92
CA ARG A 381 -16.29 -6.81 -21.98
C ARG A 381 -15.42 -6.75 -23.20
N LEU A 382 -16.03 -6.34 -24.32
CA LEU A 382 -15.32 -6.39 -25.56
C LEU A 382 -14.19 -5.35 -25.45
N GLU A 383 -14.50 -4.15 -24.97
CA GLU A 383 -13.50 -3.09 -24.84
C GLU A 383 -12.44 -3.48 -23.81
N ALA A 384 -12.87 -4.04 -22.67
CA ALA A 384 -11.92 -4.28 -21.60
C ALA A 384 -10.96 -5.38 -22.01
N ARG A 385 -11.48 -6.45 -22.60
CA ARG A 385 -10.64 -7.55 -23.11
C ARG A 385 -9.61 -7.10 -24.13
N ILE A 386 -10.02 -6.19 -25.02
CA ILE A 386 -9.13 -5.71 -26.08
C ILE A 386 -8.07 -4.76 -25.50
N ALA A 387 -8.45 -3.93 -24.56
CA ALA A 387 -7.50 -3.01 -23.92
C ALA A 387 -6.48 -3.75 -23.04
N VAL A 388 -6.96 -4.64 -22.18
CA VAL A 388 -6.04 -5.43 -21.37
C VAL A 388 -5.03 -6.13 -22.25
N ARG A 389 -5.50 -6.81 -23.29
CA ARG A 389 -4.59 -7.58 -24.13
C ARG A 389 -3.58 -6.69 -24.86
N ALA A 390 -4.03 -5.56 -25.37
CA ALA A 390 -3.08 -4.70 -26.11
C ALA A 390 -1.92 -4.26 -25.17
N LEU A 391 -2.30 -3.87 -23.95
CA LEU A 391 -1.32 -3.36 -22.96
C LEU A 391 -0.28 -4.42 -22.66
N LEU A 392 -0.74 -5.66 -22.45
CA LEU A 392 0.14 -6.73 -22.07
C LEU A 392 1.01 -7.09 -23.25
N GLU A 393 0.43 -7.14 -24.43
CA GLU A 393 1.20 -7.56 -25.61
C GLU A 393 2.11 -6.50 -26.20
N ARG A 394 1.87 -5.22 -25.91
CA ARG A 394 2.71 -4.23 -26.49
C ARG A 394 3.65 -3.52 -25.52
N CYS A 395 3.36 -3.60 -24.22
CA CYS A 395 4.24 -3.04 -23.21
C CYS A 395 5.06 -4.12 -22.48
N PRO A 396 6.35 -4.20 -22.83
CA PRO A 396 7.28 -5.10 -22.12
C PRO A 396 7.61 -4.54 -20.74
N ASP A 397 7.64 -5.40 -19.74
CA ASP A 397 7.95 -5.00 -18.35
C ASP A 397 6.99 -3.91 -17.87
N LEU A 398 5.77 -3.93 -18.39
CA LEU A 398 4.78 -2.93 -18.01
C LEU A 398 4.68 -2.91 -16.49
N ALA A 399 4.59 -1.72 -15.89
CA ALA A 399 4.54 -1.68 -14.43
C ALA A 399 3.92 -0.43 -13.86
N LEU A 400 3.42 -0.59 -12.65
CA LEU A 400 2.84 0.49 -11.86
C LEU A 400 3.96 1.46 -11.50
N ASP A 401 3.75 2.76 -11.73
CA ASP A 401 4.85 3.72 -11.58
C ASP A 401 4.72 4.60 -10.36
N VAL A 402 3.89 4.19 -9.40
CA VAL A 402 3.91 4.74 -8.04
C VAL A 402 3.66 3.57 -7.10
N SER A 403 3.61 3.84 -5.80
CA SER A 403 3.21 2.77 -4.89
C SER A 403 1.70 2.82 -4.74
N PRO A 404 1.08 1.66 -4.42
CA PRO A 404 -0.34 1.66 -4.19
C PRO A 404 -0.81 2.69 -3.20
N GLY A 405 -0.06 2.89 -2.14
CA GLY A 405 -0.46 3.86 -1.12
C GLY A 405 -0.49 5.29 -1.65
N GLU A 406 0.26 5.55 -2.73
CA GLU A 406 0.26 6.89 -3.36
C GLU A 406 -0.99 7.19 -4.23
N LEU A 407 -1.68 6.14 -4.68
CA LEU A 407 -2.85 6.31 -5.57
C LEU A 407 -3.93 6.98 -4.76
N VAL A 408 -4.78 7.74 -5.43
CA VAL A 408 -5.91 8.34 -4.75
C VAL A 408 -7.27 7.96 -5.42
N TRP A 409 -8.19 7.48 -4.58
CA TRP A 409 -9.47 6.98 -5.01
C TRP A 409 -10.52 8.03 -4.76
N TYR A 410 -11.45 8.12 -5.68
CA TYR A 410 -12.63 8.97 -5.50
C TYR A 410 -13.48 8.41 -4.35
N PRO A 411 -13.83 9.27 -3.38
CA PRO A 411 -14.53 8.88 -2.12
C PRO A 411 -15.92 8.24 -2.26
N ASN A 412 -16.71 8.76 -3.19
CA ASN A 412 -18.02 8.23 -3.57
C ASN A 412 -18.23 6.73 -3.29
N PRO A 413 -19.24 6.39 -2.48
CA PRO A 413 -19.48 4.99 -2.19
C PRO A 413 -20.25 4.26 -3.31
N MET A 414 -20.60 4.97 -4.35
CA MET A 414 -21.23 4.35 -5.50
C MET A 414 -20.23 4.00 -6.61
N ILE A 415 -19.08 4.67 -6.64
CA ILE A 415 -18.13 4.50 -7.73
C ILE A 415 -16.73 4.28 -7.17
N ARG A 416 -16.18 3.14 -7.49
CA ARG A 416 -14.81 2.81 -7.23
C ARG A 416 -13.94 3.28 -8.38
N GLY A 417 -13.19 4.35 -8.18
CA GLY A 417 -12.30 4.84 -9.26
C GLY A 417 -11.13 5.71 -8.84
N LEU A 418 -10.08 5.66 -9.63
CA LEU A 418 -8.85 6.35 -9.30
C LEU A 418 -8.87 7.76 -9.87
N LYS A 419 -8.17 8.69 -9.25
CA LYS A 419 -7.90 10.02 -9.88
C LYS A 419 -6.96 9.87 -11.10
N ALA A 420 -5.97 8.99 -10.98
CA ALA A 420 -4.96 8.75 -12.02
C ALA A 420 -4.33 7.34 -11.84
N LEU A 421 -3.61 6.87 -12.86
CA LEU A 421 -2.92 5.58 -12.79
C LEU A 421 -1.59 5.63 -13.53
N PRO A 422 -0.55 6.12 -12.86
CA PRO A 422 0.81 6.15 -13.41
C PRO A 422 1.42 4.77 -13.69
N ILE A 423 1.82 4.54 -14.93
CA ILE A 423 2.46 3.33 -15.34
C ILE A 423 3.75 3.67 -16.03
N ARG A 424 4.55 2.63 -16.32
CA ARG A 424 5.78 2.75 -17.11
C ARG A 424 6.05 1.41 -17.78
N TRP A 425 6.95 1.38 -18.76
CA TRP A 425 7.32 0.15 -19.52
C TRP A 425 8.76 0.31 -20.02
N ARG A 426 9.33 -0.75 -20.60
CA ARG A 426 10.71 -0.69 -21.06
C ARG A 426 10.79 0.12 -22.38
N ARG A 427 11.57 1.22 -22.33
CA ARG A 427 12.02 2.15 -23.45
C ARG A 427 11.46 3.58 -23.27
N PRO B 33 10.22 27.14 19.62
CA PRO B 33 10.20 26.33 20.84
C PRO B 33 11.14 25.10 20.74
N VAL B 34 10.92 24.11 21.63
CA VAL B 34 11.54 22.78 21.55
C VAL B 34 10.45 21.85 21.03
N LEU B 35 10.62 21.28 19.85
CA LEU B 35 9.59 20.42 19.28
C LEU B 35 9.32 19.11 20.06
N ASP B 36 8.08 18.91 20.49
CA ASP B 36 7.73 17.73 21.28
C ASP B 36 7.30 16.58 20.36
N LEU B 37 8.16 15.60 20.21
CA LEU B 37 7.86 14.43 19.38
C LEU B 37 6.80 13.47 20.00
N GLY B 38 6.58 13.60 21.31
CA GLY B 38 5.51 12.89 22.02
C GLY B 38 4.15 13.42 21.60
N ALA B 39 4.02 14.75 21.62
CA ALA B 39 2.80 15.41 21.17
C ALA B 39 2.26 14.79 19.86
N LEU B 40 3.11 14.64 18.85
CA LEU B 40 2.65 14.29 17.48
C LEU B 40 2.18 12.85 17.32
N GLY B 41 2.39 12.01 18.33
CA GLY B 41 1.74 10.69 18.39
C GLY B 41 2.17 9.67 17.35
N GLN B 42 1.28 8.73 17.03
CA GLN B 42 1.63 7.59 16.14
C GLN B 42 1.77 8.01 14.65
N ASP B 43 1.15 9.13 14.24
CA ASP B 43 1.38 9.66 12.89
C ASP B 43 2.88 9.74 12.63
N PHE B 44 3.55 10.41 13.57
CA PHE B 44 4.97 10.64 13.53
C PHE B 44 5.74 9.32 13.55
N ALA B 45 5.38 8.40 14.45
CA ALA B 45 6.05 7.08 14.51
C ALA B 45 5.95 6.36 13.18
N ALA B 46 4.74 6.33 12.64
CA ALA B 46 4.45 5.65 11.37
C ALA B 46 5.04 6.39 10.19
N ASP B 47 5.03 7.74 10.24
CA ASP B 47 5.60 8.55 9.16
C ASP B 47 6.29 9.83 9.69
N PRO B 48 7.60 9.72 10.06
CA PRO B 48 8.31 10.86 10.66
C PRO B 48 8.93 11.78 9.64
N TYR B 49 9.09 11.29 8.42
CA TYR B 49 9.87 12.01 7.41
C TYR B 49 9.47 13.45 7.15
N PRO B 50 8.16 13.75 7.13
CA PRO B 50 7.85 15.17 6.86
C PRO B 50 8.33 16.11 7.94
N THR B 51 8.31 15.63 9.18
CA THR B 51 8.84 16.38 10.31
C THR B 51 10.34 16.63 10.12
N TYR B 52 11.07 15.55 9.85
CA TYR B 52 12.49 15.64 9.62
C TYR B 52 12.77 16.60 8.47
N ALA B 53 12.09 16.40 7.35
CA ALA B 53 12.27 17.27 6.19
C ALA B 53 12.03 18.76 6.47
N ARG B 54 10.99 19.04 7.23
CA ARG B 54 10.69 20.41 7.57
C ARG B 54 11.84 20.98 8.41
N LEU B 55 12.39 20.16 9.30
CA LEU B 55 13.49 20.58 10.16
C LEU B 55 14.70 20.87 9.31
N ARG B 56 14.98 19.96 8.38
CA ARG B 56 16.07 20.16 7.40
C ARG B 56 15.99 21.48 6.66
N ALA B 57 14.79 21.83 6.19
CA ALA B 57 14.62 23.08 5.44
C ALA B 57 14.98 24.29 6.29
N GLU B 58 14.81 24.19 7.61
CA GLU B 58 15.17 25.27 8.52
C GLU B 58 16.65 25.37 8.93
N GLY B 59 17.47 24.35 8.71
CA GLY B 59 18.83 24.28 9.32
C GLY B 59 19.28 22.87 9.72
N PRO B 60 20.57 22.68 10.03
CA PRO B 60 21.07 21.33 10.29
C PRO B 60 20.76 20.76 11.68
N ALA B 61 20.63 21.60 12.69
CA ALA B 61 20.62 21.15 14.08
C ALA B 61 19.44 21.67 14.86
N HIS B 62 18.67 20.79 15.50
CA HIS B 62 17.46 21.22 16.19
C HIS B 62 17.26 20.55 17.55
N ARG B 63 16.85 21.37 18.51
CA ARG B 63 16.68 20.93 19.89
C ARG B 63 15.27 20.36 19.97
N VAL B 64 15.13 19.13 20.47
CA VAL B 64 13.83 18.47 20.57
C VAL B 64 13.63 17.63 21.82
N ARG B 65 12.40 17.19 22.02
CA ARG B 65 12.03 16.41 23.18
C ARG B 65 11.58 15.06 22.67
N THR B 66 12.24 13.98 23.04
CA THR B 66 11.84 12.68 22.49
C THR B 66 10.54 12.19 23.11
N PRO B 67 9.88 11.23 22.43
CA PRO B 67 8.71 10.57 23.04
C PRO B 67 9.00 10.04 24.46
N GLU B 68 10.18 9.45 24.66
CA GLU B 68 10.61 8.91 25.95
C GLU B 68 10.86 9.99 27.02
N GLY B 69 10.86 11.28 26.64
CA GLY B 69 11.05 12.40 27.58
C GLY B 69 12.39 13.16 27.55
N ASN B 70 13.36 12.67 26.78
CA ASN B 70 14.71 13.26 26.75
C ASN B 70 14.83 14.49 25.85
N GLU B 71 15.55 15.50 26.32
CA GLU B 71 15.99 16.61 25.49
C GLU B 71 17.32 16.29 24.79
N VAL B 72 17.29 16.27 23.48
CA VAL B 72 18.44 15.94 22.66
C VAL B 72 18.48 16.88 21.44
N TRP B 73 19.60 16.90 20.69
CA TRP B 73 19.70 17.61 19.40
C TRP B 73 19.53 16.59 18.29
N LEU B 74 18.89 16.98 17.21
CA LEU B 74 18.88 16.14 16.02
C LEU B 74 19.77 16.85 15.02
N VAL B 75 20.47 16.08 14.21
CA VAL B 75 21.19 16.62 13.08
C VAL B 75 20.55 16.03 11.82
N VAL B 76 20.03 16.87 10.91
CA VAL B 76 19.25 16.36 9.75
C VAL B 76 19.97 16.73 8.44
N GLY B 77 19.63 16.14 7.32
CA GLY B 77 20.30 16.50 6.03
C GLY B 77 21.53 15.65 5.74
N TYR B 78 21.61 15.10 4.53
CA TYR B 78 22.72 14.18 4.21
C TYR B 78 24.16 14.68 4.56
N ASP B 79 24.62 15.76 3.98
CA ASP B 79 26.07 16.14 4.05
C ASP B 79 26.49 16.37 5.50
N ARG B 80 25.60 17.00 6.22
CA ARG B 80 25.85 17.29 7.58
C ARG B 80 25.80 16.02 8.45
N ALA B 81 24.88 15.11 8.20
CA ALA B 81 24.87 13.86 8.96
C ALA B 81 26.17 13.09 8.73
N ARG B 82 26.61 13.03 7.48
CA ARG B 82 27.79 12.27 7.19
C ARG B 82 28.97 12.93 7.93
N ALA B 83 29.02 14.24 7.95
CA ALA B 83 30.18 14.88 8.54
C ALA B 83 30.19 14.62 10.10
N VAL B 84 29.02 14.75 10.70
CA VAL B 84 28.94 14.61 12.12
C VAL B 84 29.29 13.19 12.53
N LEU B 85 28.84 12.20 11.74
CA LEU B 85 29.18 10.79 12.02
C LEU B 85 30.70 10.58 12.19
N ALA B 86 31.51 11.32 11.41
CA ALA B 86 32.98 11.06 11.31
C ALA B 86 33.85 12.17 11.90
N ASP B 87 33.21 13.09 12.61
CA ASP B 87 33.84 14.27 13.15
C ASP B 87 34.25 13.98 14.63
N PRO B 88 35.55 13.92 14.89
CA PRO B 88 36.03 13.60 16.25
C PRO B 88 35.78 14.66 17.32
N ARG B 89 35.18 15.77 16.95
CA ARG B 89 34.72 16.73 17.93
C ARG B 89 33.52 16.17 18.66
N PHE B 90 32.85 15.18 18.07
CA PHE B 90 31.74 14.55 18.78
C PHE B 90 32.21 13.21 19.29
N SER B 91 32.12 13.02 20.59
CA SER B 91 32.61 11.88 21.30
C SER B 91 31.47 10.89 21.54
N LYS B 92 31.82 9.62 21.64
CA LYS B 92 30.85 8.61 22.01
C LYS B 92 31.05 8.11 23.44
N ASP B 93 32.03 8.69 24.16
CA ASP B 93 32.35 8.25 25.51
C ASP B 93 31.53 9.07 26.52
N TRP B 94 30.81 8.42 27.40
CA TRP B 94 29.98 9.18 28.37
C TRP B 94 30.76 10.05 29.37
N ARG B 95 32.03 9.81 29.59
CA ARG B 95 32.80 10.85 30.29
C ARG B 95 32.55 12.26 29.74
N ASN B 96 32.15 12.36 28.47
CA ASN B 96 31.94 13.66 27.81
C ASN B 96 30.46 14.08 27.74
N SER B 97 29.61 13.36 28.44
CA SER B 97 28.21 13.70 28.58
C SER B 97 27.96 14.37 29.90
N THR B 98 27.07 15.33 29.89
CA THR B 98 26.60 15.94 31.13
C THR B 98 25.47 15.10 31.74
N THR B 99 24.91 14.16 30.98
CA THR B 99 23.88 13.25 31.48
C THR B 99 24.56 12.08 32.23
N PRO B 100 24.16 11.79 33.45
CA PRO B 100 24.82 10.66 34.12
C PRO B 100 24.13 9.34 33.81
N LEU B 101 24.86 8.24 33.98
CA LEU B 101 24.39 6.89 33.73
C LEU B 101 23.95 6.24 35.04
N THR B 102 22.91 5.42 34.98
CA THR B 102 22.51 4.62 36.13
C THR B 102 23.57 3.57 36.33
N GLU B 103 23.76 3.10 37.54
CA GLU B 103 24.79 2.06 37.79
C GLU B 103 24.65 0.80 36.89
N ALA B 104 23.44 0.38 36.57
CA ALA B 104 23.28 -0.73 35.61
C ALA B 104 23.76 -0.36 34.18
N GLU B 105 23.48 0.86 33.74
CA GLU B 105 24.00 1.37 32.45
C GLU B 105 25.53 1.44 32.51
N ALA B 106 26.07 2.07 33.55
CA ALA B 106 27.52 2.13 33.81
C ALA B 106 28.21 0.78 33.72
N ALA B 107 27.60 -0.25 34.27
CA ALA B 107 28.21 -1.59 34.30
C ALA B 107 28.38 -2.27 32.92
N LEU B 108 27.77 -1.69 31.88
CA LEU B 108 27.74 -2.31 30.56
C LEU B 108 28.39 -1.44 29.47
N ASN B 109 28.93 -0.26 29.84
CA ASN B 109 29.36 0.74 28.84
C ASN B 109 30.86 0.70 28.49
N HIS B 110 31.49 -0.37 28.95
CA HIS B 110 32.85 -0.64 28.56
C HIS B 110 32.90 -1.33 27.19
N ASN B 111 32.26 -0.77 26.17
CA ASN B 111 32.26 -1.33 24.80
C ASN B 111 32.79 -0.36 23.76
N MET B 112 33.04 -0.88 22.57
CA MET B 112 33.69 -0.08 21.54
C MET B 112 32.83 1.07 21.02
N LEU B 113 31.52 0.85 20.97
CA LEU B 113 30.60 1.83 20.38
C LEU B 113 30.50 3.04 21.27
N GLU B 114 30.78 2.91 22.53
CA GLU B 114 30.69 4.06 23.41
C GLU B 114 32.10 4.36 23.91
N SER B 115 33.03 4.38 22.97
CA SER B 115 34.42 4.73 23.20
C SER B 115 34.93 5.62 22.13
N ASP B 116 35.99 6.34 22.46
CA ASP B 116 36.77 7.03 21.48
C ASP B 116 38.15 6.43 21.47
N PRO B 117 38.94 6.75 20.45
CA PRO B 117 40.37 6.40 20.43
C PRO B 117 41.06 6.96 21.61
N PRO B 118 42.00 6.23 22.21
CA PRO B 118 42.57 4.92 21.78
C PRO B 118 41.81 3.67 22.23
N ARG B 119 40.89 3.81 23.14
CA ARG B 119 40.19 2.65 23.67
C ARG B 119 39.39 1.96 22.55
N HIS B 120 38.65 2.75 21.79
CA HIS B 120 37.92 2.23 20.65
C HIS B 120 38.79 1.40 19.73
N THR B 121 39.96 1.95 19.41
CA THR B 121 40.98 1.37 18.53
C THR B 121 41.45 0.01 19.05
N ARG B 122 41.81 -0.06 20.32
CA ARG B 122 42.18 -1.29 20.99
C ARG B 122 41.06 -2.35 20.97
N LEU B 123 39.86 -1.96 21.40
CA LEU B 123 38.77 -2.90 21.47
C LEU B 123 38.34 -3.47 20.11
N ARG B 124 38.21 -2.64 19.07
CA ARG B 124 37.78 -3.15 17.77
C ARG B 124 38.81 -4.09 17.18
N LYS B 125 40.11 -3.85 17.39
CA LYS B 125 41.16 -4.79 16.89
C LYS B 125 40.98 -6.18 17.40
N LEU B 126 40.48 -6.32 18.63
CA LEU B 126 40.23 -7.65 19.17
C LEU B 126 39.31 -8.52 18.36
N VAL B 127 38.36 -7.92 17.64
CA VAL B 127 37.42 -8.74 16.85
C VAL B 127 37.33 -8.51 15.34
N ALA B 128 38.17 -7.67 14.75
CA ALA B 128 37.97 -7.33 13.36
C ALA B 128 38.14 -8.48 12.43
N ARG B 129 39.09 -9.35 12.70
CA ARG B 129 39.28 -10.50 11.83
C ARG B 129 38.10 -11.48 11.84
N GLU B 130 37.34 -11.53 12.92
CA GLU B 130 36.16 -12.37 12.91
C GLU B 130 35.12 -11.92 11.90
N PHE B 131 35.04 -10.63 11.64
CA PHE B 131 33.86 -10.11 10.90
C PHE B 131 34.19 -9.61 9.51
N THR B 132 35.33 -10.01 8.99
CA THR B 132 35.61 -9.70 7.64
C THR B 132 34.65 -10.44 6.75
N MET B 133 34.48 -9.89 5.56
CA MET B 133 33.78 -10.53 4.45
C MET B 133 34.18 -11.97 4.24
N ARG B 134 35.47 -12.20 4.04
CA ARG B 134 35.98 -13.56 3.81
C ARG B 134 35.64 -14.54 4.94
N ARG B 135 35.60 -14.07 6.18
CA ARG B 135 35.34 -14.97 7.32
C ARG B 135 33.89 -15.23 7.49
N VAL B 136 33.10 -14.19 7.29
CA VAL B 136 31.65 -14.28 7.38
C VAL B 136 31.13 -15.22 6.29
N GLU B 137 31.75 -15.20 5.13
CA GLU B 137 31.35 -16.05 4.00
C GLU B 137 31.44 -17.55 4.32
N LEU B 138 32.32 -17.92 5.26
CA LEU B 138 32.35 -19.29 5.77
C LEU B 138 31.11 -19.66 6.58
N LEU B 139 30.32 -18.66 7.00
CA LEU B 139 29.08 -18.98 7.73
C LEU B 139 27.93 -19.20 6.79
N ARG B 140 28.14 -19.04 5.47
CA ARG B 140 27.01 -19.12 4.54
C ARG B 140 26.24 -20.48 4.65
N PRO B 141 26.94 -21.62 4.53
CA PRO B 141 26.25 -22.90 4.62
C PRO B 141 25.35 -23.05 5.85
N ARG B 142 25.81 -22.62 7.00
CA ARG B 142 25.01 -22.72 8.21
C ARG B 142 23.83 -21.77 8.20
N VAL B 143 24.06 -20.53 7.78
CA VAL B 143 22.97 -19.55 7.69
C VAL B 143 21.91 -20.07 6.71
N GLN B 144 22.35 -20.65 5.59
CA GLN B 144 21.38 -21.22 4.66
C GLN B 144 20.50 -22.25 5.39
N GLU B 145 21.15 -23.25 5.96
CA GLU B 145 20.47 -24.28 6.73
C GLU B 145 19.50 -23.67 7.76
N ILE B 146 19.91 -22.62 8.44
CA ILE B 146 19.01 -22.02 9.42
C ILE B 146 17.80 -21.37 8.80
N VAL B 147 17.96 -20.86 7.60
CA VAL B 147 16.87 -20.14 6.95
C VAL B 147 15.89 -21.18 6.41
N ASP B 148 16.41 -22.12 5.63
CA ASP B 148 15.62 -23.26 5.16
C ASP B 148 14.67 -23.83 6.22
N GLY B 149 15.26 -24.14 7.38
CA GLY B 149 14.52 -24.73 8.45
C GLY B 149 13.42 -23.83 8.90
N LEU B 150 13.73 -22.55 9.08
CA LEU B 150 12.73 -21.57 9.56
C LEU B 150 11.63 -21.35 8.54
N VAL B 151 11.96 -21.54 7.27
CA VAL B 151 10.98 -21.45 6.22
C VAL B 151 10.12 -22.74 6.07
N ASP B 152 10.71 -23.93 6.14
CA ASP B 152 9.93 -25.17 6.31
C ASP B 152 8.89 -24.94 7.45
N ALA B 153 9.35 -24.56 8.61
CA ALA B 153 8.43 -24.47 9.71
C ALA B 153 7.30 -23.45 9.41
N MET B 154 7.62 -22.36 8.72
CA MET B 154 6.59 -21.35 8.45
C MET B 154 5.56 -21.87 7.41
N LEU B 155 6.05 -22.53 6.37
CA LEU B 155 5.24 -23.08 5.29
C LEU B 155 4.17 -24.11 5.73
N ALA B 156 4.57 -25.16 6.46
CA ALA B 156 3.65 -26.21 6.90
C ALA B 156 2.40 -25.70 7.66
N ALA B 157 2.31 -24.40 7.94
CA ALA B 157 1.06 -23.79 8.44
C ALA B 157 -0.10 -24.14 7.51
N PRO B 158 -1.30 -24.42 8.08
CA PRO B 158 -2.45 -24.88 7.27
C PRO B 158 -3.05 -23.78 6.37
N ASP B 159 -3.27 -22.61 6.95
CA ASP B 159 -4.03 -21.55 6.30
C ASP B 159 -3.23 -20.60 5.40
N GLY B 160 -1.98 -20.95 5.07
CA GLY B 160 -1.07 -20.07 4.31
C GLY B 160 -0.78 -18.69 4.91
N ARG B 161 -0.72 -18.58 6.24
CA ARG B 161 -0.60 -17.29 6.92
C ARG B 161 0.36 -17.36 8.11
N ALA B 162 1.22 -16.34 8.23
CA ALA B 162 2.16 -16.23 9.35
C ALA B 162 2.49 -14.76 9.63
N ASP B 163 3.11 -14.56 10.78
CA ASP B 163 3.71 -13.28 11.14
C ASP B 163 5.19 -13.43 10.91
N LEU B 164 5.70 -12.61 10.01
CA LEU B 164 7.04 -12.81 9.53
C LEU B 164 8.05 -12.59 10.64
N MET B 165 7.71 -11.68 11.55
CA MET B 165 8.60 -11.39 12.66
C MET B 165 8.88 -12.67 13.47
N GLU B 166 7.81 -13.25 14.00
CA GLU B 166 7.86 -14.48 14.79
C GLU B 166 8.50 -15.67 14.08
N SER B 167 8.33 -15.75 12.79
CA SER B 167 8.70 -16.93 12.04
C SER B 167 10.05 -16.86 11.39
N LEU B 168 10.66 -15.68 11.31
CA LEU B 168 11.90 -15.57 10.55
C LEU B 168 12.76 -14.38 10.94
N ALA B 169 12.18 -13.19 10.93
CA ALA B 169 12.95 -11.98 11.16
C ALA B 169 13.59 -12.05 12.54
N TRP B 170 12.83 -12.52 13.52
CA TRP B 170 13.31 -12.52 14.88
C TRP B 170 14.26 -13.68 15.22
N PRO B 171 13.90 -14.92 14.88
CA PRO B 171 14.79 -16.01 15.25
C PRO B 171 16.01 -16.25 14.35
N LEU B 172 16.07 -15.71 13.15
CA LEU B 172 17.28 -15.97 12.32
C LEU B 172 18.57 -15.29 12.86
N PRO B 173 18.47 -14.00 13.21
CA PRO B 173 19.64 -13.31 13.74
C PRO B 173 20.02 -13.81 15.10
N ILE B 174 19.05 -14.15 15.94
CA ILE B 174 19.36 -14.52 17.33
C ILE B 174 19.95 -15.91 17.35
N THR B 175 19.75 -16.66 16.30
CA THR B 175 20.31 -17.98 16.19
C THR B 175 21.70 -17.87 15.66
N VAL B 176 21.89 -17.04 14.64
CA VAL B 176 23.23 -16.89 14.04
C VAL B 176 24.26 -16.36 15.06
N ILE B 177 23.88 -15.37 15.84
CA ILE B 177 24.82 -14.68 16.69
C ILE B 177 24.97 -15.51 17.96
N SER B 178 23.88 -16.14 18.41
CA SER B 178 23.95 -17.05 19.58
C SER B 178 24.92 -18.18 19.34
N GLU B 179 24.93 -18.72 18.13
CA GLU B 179 25.87 -19.79 17.78
C GLU B 179 27.29 -19.29 17.70
N LEU B 180 27.43 -18.02 17.33
CA LEU B 180 28.76 -17.46 17.17
C LEU B 180 29.42 -17.18 18.50
N LEU B 181 28.65 -16.63 19.42
CA LEU B 181 29.13 -16.39 20.72
C LEU B 181 28.98 -17.62 21.66
N GLY B 182 28.29 -18.68 21.23
CA GLY B 182 28.12 -19.82 22.14
C GLY B 182 27.06 -19.67 23.24
N VAL B 183 25.95 -19.05 22.90
CA VAL B 183 24.85 -18.96 23.82
C VAL B 183 24.02 -20.25 23.68
N PRO B 184 23.77 -20.94 24.79
CA PRO B 184 23.05 -22.19 24.73
C PRO B 184 21.59 -22.00 24.31
N GLU B 185 21.06 -22.99 23.60
CA GLU B 185 19.73 -22.89 22.98
C GLU B 185 18.65 -22.47 23.96
N PRO B 186 18.68 -23.03 25.19
CA PRO B 186 17.59 -22.71 26.11
C PRO B 186 17.66 -21.33 26.72
N ASP B 187 18.80 -20.63 26.62
CA ASP B 187 18.92 -19.31 27.22
C ASP B 187 18.36 -18.21 26.32
N ARG B 188 18.21 -18.52 25.04
CA ARG B 188 18.07 -17.50 23.98
C ARG B 188 16.75 -16.75 23.99
N ALA B 189 15.71 -17.42 24.48
CA ALA B 189 14.40 -16.81 24.67
C ALA B 189 14.50 -15.49 25.45
N ALA B 190 15.26 -15.49 26.53
CA ALA B 190 15.30 -14.28 27.36
C ALA B 190 15.81 -13.04 26.57
N PHE B 191 16.59 -13.26 25.52
CA PHE B 191 17.03 -12.15 24.68
C PHE B 191 15.90 -11.42 23.99
N ARG B 192 14.84 -12.13 23.62
CA ARG B 192 13.64 -11.47 23.07
C ARG B 192 13.02 -10.47 24.04
N VAL B 193 12.94 -10.88 25.31
CA VAL B 193 12.29 -10.08 26.34
C VAL B 193 13.17 -8.88 26.65
N TRP B 194 14.45 -9.16 26.89
CA TRP B 194 15.42 -8.11 27.27
C TRP B 194 15.56 -7.04 26.20
N THR B 195 15.75 -7.48 24.97
CA THR B 195 15.77 -6.60 23.81
C THR B 195 14.46 -5.82 23.63
N ASP B 196 13.31 -6.43 23.97
CA ASP B 196 12.02 -5.71 23.90
C ASP B 196 11.85 -4.64 25.00
N ALA B 197 12.49 -4.81 26.15
CA ALA B 197 12.41 -3.79 27.20
C ALA B 197 13.31 -2.59 26.91
N PHE B 198 14.30 -2.74 26.04
CA PHE B 198 15.14 -1.63 25.62
C PHE B 198 14.46 -0.77 24.55
N VAL B 199 13.70 -1.41 23.66
CA VAL B 199 13.08 -0.74 22.52
C VAL B 199 11.81 0.03 22.88
N PHE B 200 10.75 -0.69 23.21
CA PHE B 200 9.46 -0.09 23.58
C PHE B 200 9.06 -0.52 25.00
N PRO B 201 9.85 -0.11 26.02
CA PRO B 201 9.49 -0.42 27.41
C PRO B 201 8.09 0.06 27.83
N ASP B 202 7.43 -0.73 28.67
CA ASP B 202 6.24 -0.26 29.38
C ASP B 202 6.65 0.92 30.29
N ASP B 203 7.67 0.70 31.12
CA ASP B 203 8.22 1.75 31.98
C ASP B 203 9.75 1.79 31.98
N PRO B 204 10.31 2.92 32.43
CA PRO B 204 11.73 3.09 32.66
C PRO B 204 12.47 2.01 33.50
N ALA B 205 11.93 1.59 34.64
CA ALA B 205 12.65 0.62 35.50
C ALA B 205 12.51 -0.82 35.01
N GLN B 206 11.72 -1.04 33.96
CA GLN B 206 11.67 -2.33 33.29
C GLN B 206 12.91 -2.55 32.43
N ALA B 207 13.41 -1.48 31.83
CA ALA B 207 14.62 -1.55 31.04
C ALA B 207 15.81 -1.73 31.96
N GLN B 208 15.80 -0.99 33.07
CA GLN B 208 16.90 -1.04 34.04
C GLN B 208 17.03 -2.44 34.64
N THR B 209 15.89 -3.06 34.91
CA THR B 209 15.86 -4.43 35.42
C THR B 209 16.37 -5.45 34.42
N ALA B 210 15.94 -5.36 33.17
CA ALA B 210 16.49 -6.26 32.11
C ALA B 210 18.00 -6.11 31.97
N MET B 211 18.48 -4.87 32.05
CA MET B 211 19.89 -4.61 31.95
C MET B 211 20.65 -5.35 33.01
N ALA B 212 20.28 -5.15 34.27
CA ALA B 212 20.93 -5.86 35.37
C ALA B 212 20.83 -7.41 35.22
N GLU B 213 19.73 -7.87 34.65
CA GLU B 213 19.54 -9.28 34.46
C GLU B 213 20.35 -9.85 33.31
N MET B 214 20.41 -9.13 32.20
CA MET B 214 21.27 -9.54 31.10
C MET B 214 22.73 -9.50 31.56
N SER B 215 23.12 -8.45 32.24
CA SER B 215 24.47 -8.30 32.76
C SER B 215 24.91 -9.56 33.56
N GLY B 216 24.02 -10.02 34.45
CA GLY B 216 24.31 -11.18 35.30
C GLY B 216 24.36 -12.48 34.52
N TYR B 217 23.43 -12.68 33.63
CA TYR B 217 23.50 -13.84 32.81
C TYR B 217 24.84 -13.89 32.00
N LEU B 218 25.27 -12.76 31.46
CA LEU B 218 26.47 -12.73 30.62
C LEU B 218 27.71 -13.04 31.44
N SER B 219 27.83 -12.48 32.64
CA SER B 219 28.87 -12.92 33.58
C SER B 219 28.84 -14.43 33.83
N ARG B 220 27.68 -14.98 34.13
CA ARG B 220 27.59 -16.39 34.30
C ARG B 220 28.03 -17.05 33.02
N LEU B 221 27.55 -16.59 31.86
CA LEU B 221 27.88 -17.32 30.65
C LEU B 221 29.37 -17.29 30.43
N ILE B 222 29.97 -16.16 30.71
CA ILE B 222 31.41 -15.97 30.52
C ILE B 222 32.19 -16.91 31.44
N ASP B 223 31.82 -16.93 32.72
CA ASP B 223 32.51 -17.77 33.69
C ASP B 223 32.37 -19.18 33.21
N SER B 224 31.24 -19.56 32.66
CA SER B 224 31.04 -20.93 32.23
C SER B 224 31.95 -21.39 31.12
N LYS B 225 32.49 -20.43 30.34
CA LYS B 225 33.46 -20.74 29.25
C LYS B 225 34.88 -21.01 29.78
N ARG B 226 35.18 -20.42 30.94
CA ARG B 226 36.56 -20.36 31.41
C ARG B 226 37.10 -21.73 31.71
N GLY B 227 38.20 -22.07 31.05
CA GLY B 227 38.84 -23.32 31.24
C GLY B 227 38.37 -24.47 30.40
N GLN B 228 37.47 -24.23 29.44
CA GLN B 228 36.82 -25.30 28.72
C GLN B 228 37.30 -25.51 27.31
N ASP B 229 38.25 -24.70 26.88
CA ASP B 229 38.84 -24.84 25.58
C ASP B 229 37.84 -24.76 24.47
N GLY B 230 36.76 -24.01 24.64
CA GLY B 230 35.79 -23.86 23.54
C GLY B 230 36.44 -23.08 22.39
N GLU B 231 35.88 -23.16 21.21
CA GLU B 231 36.34 -22.35 20.07
C GLU B 231 35.33 -21.28 19.54
N ASP B 232 34.15 -21.17 20.14
CA ASP B 232 33.25 -20.01 19.91
C ASP B 232 33.93 -18.67 20.20
N LEU B 233 33.33 -17.58 19.71
CA LEU B 233 33.99 -16.28 19.79
C LEU B 233 34.15 -15.84 21.25
N LEU B 234 33.14 -16.13 22.05
CA LEU B 234 33.14 -15.73 23.44
C LEU B 234 34.27 -16.41 24.21
N SER B 235 34.52 -17.70 23.93
CA SER B 235 35.61 -18.48 24.55
C SER B 235 36.94 -17.84 24.21
N ALA B 236 37.09 -17.41 22.96
CA ALA B 236 38.33 -16.72 22.54
C ALA B 236 38.49 -15.41 23.26
N LEU B 237 37.39 -14.76 23.58
CA LEU B 237 37.50 -13.49 24.22
C LEU B 237 37.85 -13.62 25.69
N VAL B 238 37.34 -14.68 26.31
CA VAL B 238 37.65 -14.92 27.71
C VAL B 238 39.15 -15.19 27.81
N ARG B 239 39.66 -16.06 26.92
CA ARG B 239 41.10 -16.29 26.84
C ARG B 239 41.92 -15.02 26.61
N THR B 240 41.44 -14.09 25.79
CA THR B 240 42.18 -12.84 25.56
C THR B 240 42.26 -12.01 26.86
N SER B 241 41.14 -11.84 27.54
CA SER B 241 41.15 -11.09 28.77
C SER B 241 41.99 -11.81 29.83
N ASP B 242 41.89 -13.16 29.94
CA ASP B 242 42.66 -13.87 30.99
C ASP B 242 44.17 -13.80 30.68
N GLU B 243 44.54 -13.88 29.43
CA GLU B 243 45.96 -13.77 29.09
C GLU B 243 46.58 -12.43 29.40
N ASP B 244 45.81 -11.36 29.25
CA ASP B 244 46.29 -9.98 29.46
C ASP B 244 45.10 -9.07 29.69
N GLY B 245 44.93 -8.71 30.96
CA GLY B 245 43.91 -7.79 31.36
C GLY B 245 44.04 -6.34 30.91
N SER B 246 45.21 -5.90 30.46
CA SER B 246 45.31 -4.54 29.91
C SER B 246 44.82 -4.53 28.46
N ARG B 247 44.77 -5.70 27.80
CA ARG B 247 44.25 -5.78 26.43
C ARG B 247 42.75 -5.82 26.41
N LEU B 248 42.16 -6.49 27.41
CA LEU B 248 40.73 -6.69 27.56
C LEU B 248 40.42 -6.94 29.03
N THR B 249 39.89 -5.92 29.67
CA THR B 249 39.59 -6.01 31.05
C THR B 249 38.33 -6.82 31.19
N SER B 250 38.04 -7.21 32.43
CA SER B 250 36.91 -8.09 32.60
C SER B 250 35.61 -7.30 32.40
N GLU B 251 35.59 -6.02 32.69
CA GLU B 251 34.40 -5.25 32.37
C GLU B 251 34.25 -5.04 30.86
N GLU B 252 35.36 -4.81 30.16
CA GLU B 252 35.36 -4.73 28.71
C GLU B 252 34.97 -6.02 28.07
N LEU B 253 35.29 -7.15 28.73
CA LEU B 253 34.87 -8.48 28.24
C LEU B 253 33.33 -8.67 28.30
N LEU B 254 32.76 -8.25 29.39
CA LEU B 254 31.30 -8.25 29.54
C LEU B 254 30.69 -7.29 28.46
N GLY B 255 31.20 -6.07 28.40
CA GLY B 255 30.78 -5.06 27.41
C GLY B 255 30.86 -5.55 26.00
N MET B 256 31.89 -6.27 25.65
CA MET B 256 31.98 -6.81 24.32
C MET B 256 30.90 -7.86 24.10
N ALA B 257 30.65 -8.73 25.07
CA ALA B 257 29.62 -9.73 24.85
C ALA B 257 28.29 -9.00 24.72
N HIS B 258 28.01 -8.10 25.61
CA HIS B 258 26.80 -7.31 25.50
C HIS B 258 26.67 -6.73 24.07
N ILE B 259 27.68 -5.99 23.61
CA ILE B 259 27.49 -5.19 22.40
C ILE B 259 27.30 -6.11 21.21
N LEU B 260 28.00 -7.24 21.17
CA LEU B 260 27.86 -8.09 20.01
C LEU B 260 26.49 -8.74 19.93
N LEU B 261 25.84 -8.97 21.07
CA LEU B 261 24.51 -9.60 21.04
C LEU B 261 23.52 -8.56 20.69
N VAL B 262 23.42 -7.55 21.52
CA VAL B 262 22.50 -6.47 21.28
C VAL B 262 22.63 -5.79 19.90
N ALA B 263 23.85 -5.55 19.43
CA ALA B 263 24.04 -4.68 18.27
C ALA B 263 23.47 -5.25 16.95
N GLY B 264 23.77 -6.51 16.63
CA GLY B 264 23.21 -7.14 15.42
C GLY B 264 21.93 -7.91 15.70
N HIS B 265 21.06 -7.28 16.47
CA HIS B 265 19.86 -7.93 16.94
C HIS B 265 18.68 -7.16 16.48
N GLU B 266 18.18 -6.21 17.27
CA GLU B 266 17.09 -5.38 16.81
C GLU B 266 17.35 -4.84 15.41
N THR B 267 18.60 -4.72 15.01
CA THR B 267 18.90 -4.14 13.73
C THR B 267 18.62 -5.13 12.61
N THR B 268 19.21 -6.32 12.65
CA THR B 268 19.01 -7.25 11.56
C THR B 268 17.57 -7.70 11.44
N VAL B 269 16.96 -7.90 12.60
CA VAL B 269 15.57 -8.30 12.71
C VAL B 269 14.74 -7.29 11.94
N ASN B 270 14.91 -6.04 12.30
CA ASN B 270 14.12 -5.01 11.67
C ASN B 270 14.49 -4.76 10.20
N LEU B 271 15.75 -4.89 9.81
CA LEU B 271 16.07 -4.79 8.41
C LEU B 271 15.26 -5.80 7.61
N ILE B 272 15.11 -7.02 8.14
CA ILE B 272 14.44 -8.07 7.40
C ILE B 272 12.93 -7.81 7.31
N ALA B 273 12.32 -7.44 8.41
CA ALA B 273 10.93 -7.16 8.44
C ALA B 273 10.69 -5.89 7.62
N ASN B 274 11.29 -4.76 8.03
CA ASN B 274 11.11 -3.50 7.27
C ASN B 274 11.39 -3.71 5.82
N GLY B 275 12.39 -4.53 5.53
CA GLY B 275 12.77 -4.73 4.16
C GLY B 275 11.68 -5.42 3.36
N MET B 276 11.13 -6.49 3.91
CA MET B 276 10.11 -7.26 3.19
C MET B 276 8.84 -6.47 3.09
N TYR B 277 8.55 -5.71 4.14
CA TYR B 277 7.43 -4.82 4.05
C TYR B 277 7.54 -3.81 2.90
N ALA B 278 8.74 -3.31 2.67
CA ALA B 278 8.95 -2.34 1.63
C ALA B 278 8.79 -3.00 0.27
N LEU B 279 9.27 -4.21 0.15
CA LEU B 279 9.26 -4.86 -1.12
C LEU B 279 7.84 -5.28 -1.52
N LEU B 280 7.08 -5.81 -0.57
CA LEU B 280 5.71 -6.27 -0.82
C LEU B 280 4.66 -5.14 -0.90
N SER B 281 5.02 -3.93 -0.49
CA SER B 281 4.16 -2.80 -0.65
C SER B 281 4.55 -2.05 -1.93
N HIS B 282 5.52 -2.57 -2.66
CA HIS B 282 5.99 -2.03 -3.96
C HIS B 282 6.00 -3.19 -5.01
N PRO B 283 4.81 -3.53 -5.55
CA PRO B 283 4.71 -4.74 -6.36
C PRO B 283 5.51 -4.70 -7.62
N ASP B 284 5.74 -3.52 -8.15
CA ASP B 284 6.60 -3.39 -9.33
C ASP B 284 8.02 -3.90 -8.98
N GLN B 285 8.52 -3.55 -7.79
CA GLN B 285 9.92 -3.88 -7.47
C GLN B 285 9.98 -5.35 -7.17
N LEU B 286 9.01 -5.83 -6.40
CA LEU B 286 8.87 -7.28 -6.15
C LEU B 286 8.88 -8.12 -7.43
N ALA B 287 8.13 -7.61 -8.40
CA ALA B 287 8.02 -8.28 -9.69
C ALA B 287 9.35 -8.31 -10.44
N ALA B 288 10.05 -7.19 -10.42
CA ALA B 288 11.37 -7.08 -11.06
C ALA B 288 12.37 -8.02 -10.47
N LEU B 289 12.36 -8.12 -9.14
CA LEU B 289 13.28 -8.99 -8.38
C LEU B 289 12.91 -10.48 -8.52
N ARG B 290 11.61 -10.83 -8.42
CA ARG B 290 11.20 -12.24 -8.58
C ARG B 290 11.71 -12.79 -9.90
N ALA B 291 11.70 -11.90 -10.89
CA ALA B 291 12.05 -12.20 -12.27
C ALA B 291 13.55 -12.12 -12.55
N ASP B 292 14.31 -11.37 -11.75
CA ASP B 292 15.78 -11.32 -11.91
C ASP B 292 16.45 -11.22 -10.55
N MET B 293 16.84 -12.37 -10.02
CA MET B 293 17.35 -12.41 -8.68
C MET B 293 18.78 -11.93 -8.62
N THR B 294 19.41 -11.64 -9.75
CA THR B 294 20.73 -11.00 -9.69
C THR B 294 20.61 -9.59 -9.09
N LEU B 295 19.39 -9.08 -9.02
CA LEU B 295 19.13 -7.77 -8.47
C LEU B 295 19.07 -7.76 -6.97
N LEU B 296 19.16 -8.95 -6.37
CA LEU B 296 19.00 -9.12 -4.90
C LEU B 296 19.92 -8.26 -4.01
N ASP B 297 21.16 -8.11 -4.38
CA ASP B 297 22.08 -7.39 -3.50
C ASP B 297 21.73 -5.90 -3.51
N GLY B 298 21.39 -5.41 -4.70
CA GLY B 298 20.90 -4.06 -4.84
C GLY B 298 19.62 -3.87 -4.04
N ALA B 299 18.69 -4.83 -4.12
CA ALA B 299 17.46 -4.65 -3.33
C ALA B 299 17.76 -4.50 -1.86
N VAL B 300 18.75 -5.22 -1.34
CA VAL B 300 18.98 -5.19 0.14
C VAL B 300 19.68 -3.88 0.52
N GLU B 301 20.60 -3.43 -0.35
CA GLU B 301 21.10 -2.05 -0.19
C GLU B 301 19.94 -1.05 -0.19
N GLU B 302 19.02 -1.18 -1.11
CA GLU B 302 17.96 -0.18 -1.19
C GLU B 302 16.97 -0.35 -0.03
N MET B 303 16.85 -1.55 0.54
CA MET B 303 16.09 -1.66 1.83
C MET B 303 16.76 -0.90 2.99
N LEU B 304 18.08 -0.93 3.01
CA LEU B 304 18.85 -0.24 4.05
C LEU B 304 18.65 1.24 3.90
N ARG B 305 18.64 1.71 2.66
CA ARG B 305 18.50 3.15 2.33
C ARG B 305 17.12 3.69 2.63
N TYR B 306 16.13 2.96 2.20
CA TYR B 306 14.76 3.39 2.27
C TYR B 306 14.12 3.10 3.60
N GLU B 307 14.39 1.96 4.20
CA GLU B 307 13.67 1.61 5.41
C GLU B 307 14.63 0.94 6.41
N GLY B 308 15.75 1.62 6.64
CA GLY B 308 16.79 1.03 7.45
C GLY B 308 16.32 1.05 8.89
N PRO B 309 16.76 0.08 9.69
CA PRO B 309 16.36 -0.02 11.11
C PRO B 309 16.88 1.04 12.03
N VAL B 310 18.07 1.55 11.72
CA VAL B 310 18.65 2.62 12.53
C VAL B 310 18.22 3.92 11.90
N GLU B 311 17.30 4.59 12.58
CA GLU B 311 16.69 5.80 12.11
C GLU B 311 17.56 7.01 12.53
N SER B 312 17.92 7.01 13.81
CA SER B 312 18.95 7.88 14.31
C SER B 312 20.12 7.08 14.91
N ALA B 313 21.31 7.49 14.53
CA ALA B 313 22.56 6.99 15.09
C ALA B 313 22.59 7.04 16.62
N THR B 314 23.55 6.33 17.20
CA THR B 314 23.73 6.34 18.65
C THR B 314 24.32 7.68 19.15
N TYR B 315 24.27 7.88 20.45
CA TYR B 315 24.54 9.18 21.06
C TYR B 315 25.94 9.68 20.85
N ARG B 316 26.05 10.96 20.50
CA ARG B 316 27.31 11.65 20.36
C ARG B 316 27.30 12.86 21.22
N PHE B 317 28.42 13.21 21.80
CA PHE B 317 28.45 14.32 22.75
C PHE B 317 29.57 15.23 22.36
N PRO B 318 29.27 16.54 22.12
CA PRO B 318 30.39 17.34 21.77
C PRO B 318 31.32 17.54 22.94
N VAL B 319 32.60 17.39 22.68
CA VAL B 319 33.64 17.53 23.68
C VAL B 319 33.77 18.99 24.10
N GLU B 320 33.81 19.88 23.12
CA GLU B 320 33.74 21.32 23.29
C GLU B 320 32.57 21.78 22.43
N PRO B 321 32.14 23.05 22.56
CA PRO B 321 31.01 23.49 21.78
C PRO B 321 31.29 23.41 20.31
N VAL B 322 30.24 23.14 19.53
CA VAL B 322 30.30 22.97 18.10
C VAL B 322 29.27 23.87 17.41
N ASP B 323 29.73 24.66 16.46
CA ASP B 323 28.89 25.54 15.71
C ASP B 323 28.46 24.82 14.44
N LEU B 324 27.18 24.52 14.27
CA LEU B 324 26.74 23.95 13.00
C LEU B 324 25.97 25.01 12.22
N ASP B 325 26.59 25.55 11.17
CA ASP B 325 25.97 26.59 10.34
C ASP B 325 25.27 27.66 11.21
N GLY B 326 25.96 28.12 12.27
CA GLY B 326 25.44 29.16 13.17
C GLY B 326 24.66 28.70 14.40
N THR B 327 24.18 27.46 14.40
CA THR B 327 23.60 26.88 15.60
C THR B 327 24.73 26.31 16.46
N VAL B 328 24.77 26.77 17.72
CA VAL B 328 25.75 26.31 18.68
C VAL B 328 25.23 25.14 19.49
N ILE B 329 25.95 24.03 19.43
CA ILE B 329 25.60 22.85 20.22
C ILE B 329 26.54 22.75 21.42
N PRO B 330 26.03 22.94 22.64
CA PRO B 330 26.89 22.90 23.81
C PRO B 330 27.63 21.62 24.08
N ALA B 331 28.80 21.79 24.67
CA ALA B 331 29.59 20.69 25.15
C ALA B 331 28.75 19.80 26.04
N GLY B 332 28.91 18.50 25.84
CA GLY B 332 28.20 17.53 26.68
C GLY B 332 26.74 17.23 26.43
N ASP B 333 26.08 18.00 25.55
CA ASP B 333 24.69 17.71 25.16
C ASP B 333 24.68 16.47 24.31
N THR B 334 23.51 15.85 24.19
CA THR B 334 23.34 14.61 23.46
C THR B 334 22.90 14.90 22.05
N VAL B 335 23.59 14.32 21.08
CA VAL B 335 23.31 14.50 19.63
C VAL B 335 22.97 13.24 18.82
N LEU B 336 21.85 13.27 18.10
CA LEU B 336 21.44 12.13 17.27
C LEU B 336 21.47 12.49 15.81
N VAL B 337 22.26 11.77 15.06
CA VAL B 337 22.24 11.96 13.63
C VAL B 337 21.13 11.17 13.01
N VAL B 338 20.24 11.89 12.33
CA VAL B 338 19.07 11.28 11.80
C VAL B 338 19.32 10.73 10.42
N LEU B 339 19.74 9.47 10.43
CA LEU B 339 20.10 8.78 9.19
C LEU B 339 18.98 8.72 8.21
N ALA B 340 17.79 8.59 8.74
CA ALA B 340 16.63 8.38 7.92
C ALA B 340 16.37 9.64 7.06
N ASP B 341 16.59 10.81 7.64
CA ASP B 341 16.54 12.05 6.88
C ASP B 341 17.68 12.20 5.90
N ALA B 342 18.92 11.86 6.28
CA ALA B 342 19.95 11.79 5.29
C ALA B 342 19.53 11.00 4.11
N HIS B 343 18.75 9.94 4.33
CA HIS B 343 18.44 9.03 3.23
C HIS B 343 17.31 9.54 2.37
N ARG B 344 16.57 10.52 2.87
CA ARG B 344 15.55 11.19 2.08
C ARG B 344 15.99 12.55 1.51
N THR B 345 17.29 12.85 1.53
CA THR B 345 17.81 14.14 1.04
C THR B 345 17.94 14.12 -0.48
N PRO B 346 17.05 14.84 -1.21
CA PRO B 346 16.93 14.65 -2.67
C PRO B 346 18.18 14.98 -3.44
N GLU B 347 18.90 15.98 -2.98
CA GLU B 347 20.15 16.34 -3.65
C GLU B 347 21.11 15.15 -3.69
N ARG B 348 20.98 14.17 -2.79
CA ARG B 348 21.92 13.06 -2.70
C ARG B 348 21.30 11.71 -3.08
N PHE B 349 20.00 11.54 -2.83
CA PHE B 349 19.21 10.40 -3.37
C PHE B 349 18.04 10.95 -4.20
N PRO B 350 18.26 11.08 -5.50
CA PRO B 350 17.15 11.66 -6.30
C PRO B 350 15.85 10.87 -6.15
N ASP B 351 14.71 11.55 -6.12
CA ASP B 351 13.40 10.89 -5.97
C ASP B 351 13.47 10.00 -4.73
N PRO B 352 13.78 10.63 -3.59
CA PRO B 352 14.07 9.90 -2.37
C PRO B 352 12.92 9.04 -1.83
N HIS B 353 11.68 9.47 -2.05
N HIS B 353 11.67 9.48 -2.05
CA HIS B 353 10.55 8.68 -1.61
CA HIS B 353 10.44 8.73 -1.68
C HIS B 353 10.30 7.45 -2.53
C HIS B 353 10.29 7.46 -2.54
N ARG B 354 10.98 7.36 -3.66
CA ARG B 354 10.83 6.16 -4.50
C ARG B 354 11.70 4.99 -4.01
N PHE B 355 11.11 3.80 -3.99
CA PHE B 355 11.78 2.61 -3.59
C PHE B 355 12.16 1.91 -4.86
N ASP B 356 13.44 1.89 -5.14
CA ASP B 356 13.94 1.47 -6.43
C ASP B 356 15.18 0.63 -6.22
N ILE B 357 15.01 -0.68 -6.26
CA ILE B 357 16.11 -1.61 -6.01
C ILE B 357 17.27 -1.47 -6.98
N ARG B 358 17.09 -0.76 -8.09
CA ARG B 358 18.17 -0.58 -9.08
C ARG B 358 18.87 0.79 -8.97
N ARG B 359 18.56 1.55 -7.93
CA ARG B 359 19.16 2.84 -7.74
C ARG B 359 20.60 2.74 -7.24
N ASP B 360 21.29 3.87 -7.28
CA ASP B 360 22.67 3.95 -6.77
C ASP B 360 22.58 4.19 -5.25
N THR B 361 22.86 3.17 -4.46
CA THR B 361 22.74 3.27 -2.99
C THR B 361 24.07 3.62 -2.29
N ALA B 362 25.17 3.52 -3.03
CA ALA B 362 26.50 3.80 -2.48
C ALA B 362 26.57 5.13 -1.74
N GLY B 363 26.95 5.08 -0.47
CA GLY B 363 27.03 6.27 0.34
C GLY B 363 25.91 6.35 1.32
N HIS B 364 25.01 5.37 1.36
CA HIS B 364 24.03 5.41 2.45
C HIS B 364 24.79 5.23 3.77
N LEU B 365 24.21 5.76 4.81
CA LEU B 365 24.75 5.72 6.16
C LEU B 365 24.00 4.76 7.10
N ALA B 366 23.24 3.82 6.53
CA ALA B 366 22.53 2.81 7.32
C ALA B 366 23.43 2.01 8.29
N PHE B 367 24.67 1.77 7.85
CA PHE B 367 25.70 1.20 8.71
C PHE B 367 26.59 2.21 9.36
N GLY B 368 26.20 3.49 9.34
CA GLY B 368 27.05 4.57 9.82
C GLY B 368 28.18 4.94 8.87
N HIS B 369 29.19 5.59 9.45
CA HIS B 369 30.30 6.16 8.67
C HIS B 369 31.36 6.63 9.65
N GLY B 370 32.61 6.48 9.23
CA GLY B 370 33.77 6.75 10.06
C GLY B 370 34.32 5.58 10.90
N ILE B 371 34.94 5.92 12.02
CA ILE B 371 35.64 4.91 12.79
C ILE B 371 34.69 3.91 13.46
N HIS B 372 33.39 4.26 13.59
CA HIS B 372 32.44 3.31 14.17
C HIS B 372 31.57 2.54 13.18
N PHE B 373 31.94 2.57 11.91
CA PHE B 373 31.14 1.96 10.90
C PHE B 373 30.90 0.49 11.20
N CYS B 374 29.66 0.02 11.03
CA CYS B 374 29.25 -1.34 11.44
C CYS B 374 30.27 -2.43 11.17
N ILE B 375 30.72 -3.05 12.26
CA ILE B 375 31.60 -4.21 12.14
C ILE B 375 30.83 -5.41 11.63
N GLY B 376 29.54 -5.41 11.90
CA GLY B 376 28.65 -6.49 11.44
C GLY B 376 28.13 -6.42 9.99
N ALA B 377 28.32 -5.32 9.28
CA ALA B 377 27.81 -5.23 7.89
C ALA B 377 27.89 -6.48 7.01
N PRO B 378 29.02 -7.18 6.93
CA PRO B 378 29.00 -8.34 6.02
C PRO B 378 28.08 -9.42 6.52
N LEU B 379 28.01 -9.54 7.84
CA LEU B 379 27.16 -10.54 8.44
C LEU B 379 25.68 -10.16 8.28
N ALA B 380 25.37 -8.88 8.52
CA ALA B 380 24.00 -8.42 8.35
C ALA B 380 23.52 -8.65 6.93
N ARG B 381 24.41 -8.37 5.97
CA ARG B 381 24.10 -8.51 4.54
C ARG B 381 23.96 -9.96 4.15
N LEU B 382 24.77 -10.83 4.74
CA LEU B 382 24.67 -12.25 4.44
C LEU B 382 23.30 -12.78 4.89
N GLU B 383 22.91 -12.54 6.13
CA GLU B 383 21.64 -13.05 6.63
C GLU B 383 20.49 -12.47 5.83
N ALA B 384 20.51 -11.18 5.59
CA ALA B 384 19.36 -10.52 4.97
C ALA B 384 19.20 -10.94 3.52
N ARG B 385 20.27 -11.18 2.80
CA ARG B 385 20.17 -11.64 1.43
C ARG B 385 19.67 -13.06 1.30
N ILE B 386 19.99 -13.89 2.27
CA ILE B 386 19.53 -15.26 2.24
C ILE B 386 18.07 -15.30 2.70
N ALA B 387 17.70 -14.50 3.68
CA ALA B 387 16.33 -14.47 4.13
C ALA B 387 15.41 -13.96 3.00
N VAL B 388 15.72 -12.82 2.44
CA VAL B 388 14.90 -12.33 1.36
C VAL B 388 14.76 -13.31 0.23
N ARG B 389 15.86 -13.89 -0.18
CA ARG B 389 15.82 -14.79 -1.33
C ARG B 389 14.97 -16.02 -1.03
N ALA B 390 15.05 -16.52 0.18
CA ALA B 390 14.29 -17.72 0.51
C ALA B 390 12.79 -17.43 0.44
N LEU B 391 12.37 -16.32 1.01
CA LEU B 391 10.98 -15.97 0.99
C LEU B 391 10.47 -15.82 -0.45
N LEU B 392 11.25 -15.20 -1.33
CA LEU B 392 10.79 -15.05 -2.71
C LEU B 392 10.72 -16.37 -3.44
N GLU B 393 11.75 -17.18 -3.30
CA GLU B 393 11.81 -18.38 -4.11
C GLU B 393 10.94 -19.49 -3.57
N ARG B 394 10.42 -19.36 -2.35
CA ARG B 394 9.70 -20.47 -1.75
C ARG B 394 8.26 -20.15 -1.43
N CYS B 395 7.92 -18.88 -1.23
CA CYS B 395 6.52 -18.46 -1.13
C CYS B 395 5.99 -17.84 -2.42
N PRO B 396 5.14 -18.61 -3.13
CA PRO B 396 4.82 -18.34 -4.54
C PRO B 396 4.06 -17.04 -4.81
N ASP B 397 3.02 -16.76 -4.04
CA ASP B 397 2.14 -15.63 -4.39
C ASP B 397 2.15 -14.70 -3.22
N LEU B 398 3.32 -14.59 -2.62
CA LEU B 398 3.57 -13.89 -1.35
C LEU B 398 3.17 -12.44 -1.30
N ALA B 399 2.64 -12.01 -0.15
CA ALA B 399 1.95 -10.74 -0.07
C ALA B 399 1.67 -10.33 1.33
N LEU B 400 1.48 -9.03 1.52
CA LEU B 400 1.11 -8.54 2.81
C LEU B 400 -0.27 -9.04 3.15
N ASP B 401 -0.58 -9.10 4.45
CA ASP B 401 -1.85 -9.60 4.90
C ASP B 401 -2.52 -8.67 5.89
N VAL B 402 -2.48 -7.38 5.58
CA VAL B 402 -3.35 -6.40 6.20
C VAL B 402 -3.25 -5.15 5.33
N SER B 403 -3.92 -4.06 5.74
CA SER B 403 -3.61 -2.72 5.23
C SER B 403 -2.57 -2.06 6.16
N PRO B 404 -1.64 -1.23 5.60
CA PRO B 404 -0.73 -0.42 6.41
C PRO B 404 -1.26 0.18 7.73
N GLY B 405 -2.58 0.43 7.85
CA GLY B 405 -3.18 1.02 9.07
C GLY B 405 -3.26 0.14 10.33
N GLU B 406 -3.31 -1.18 10.17
CA GLU B 406 -3.23 -2.10 11.29
C GLU B 406 -1.80 -2.20 11.82
N LEU B 407 -0.81 -1.96 10.95
CA LEU B 407 0.63 -2.05 11.32
C LEU B 407 1.03 -1.05 12.38
N VAL B 408 1.87 -1.50 13.30
CA VAL B 408 2.27 -0.69 14.47
C VAL B 408 3.79 -0.49 14.45
N TRP B 409 4.21 0.77 14.45
CA TRP B 409 5.62 1.13 14.38
C TRP B 409 6.09 1.67 15.71
N TYR B 410 7.30 1.29 16.16
CA TYR B 410 7.84 1.84 17.40
C TYR B 410 8.16 3.33 17.31
N PRO B 411 7.72 4.11 18.30
CA PRO B 411 7.91 5.57 18.42
C PRO B 411 9.37 6.07 18.44
N ASN B 412 10.19 5.32 19.17
CA ASN B 412 11.62 5.53 19.25
C ASN B 412 12.15 6.17 17.97
N PRO B 413 12.69 7.40 18.07
CA PRO B 413 13.34 8.04 16.93
C PRO B 413 14.68 7.37 16.54
N MET B 414 15.21 6.58 17.47
CA MET B 414 16.39 5.74 17.19
C MET B 414 16.03 4.48 16.38
N ILE B 415 14.83 3.95 16.57
CA ILE B 415 14.47 2.68 15.96
C ILE B 415 13.32 2.75 14.98
N ARG B 416 13.55 2.16 13.82
CA ARG B 416 12.53 1.98 12.81
C ARG B 416 12.17 0.49 12.80
N GLY B 417 10.98 0.15 13.30
CA GLY B 417 10.56 -1.25 13.30
C GLY B 417 9.12 -1.59 13.68
N LEU B 418 8.69 -2.76 13.22
CA LEU B 418 7.32 -3.19 13.36
C LEU B 418 7.14 -4.04 14.61
N LYS B 419 5.97 -3.90 15.26
CA LYS B 419 5.50 -4.90 16.26
C LYS B 419 5.31 -6.27 15.54
N ALA B 420 4.62 -6.26 14.39
CA ALA B 420 4.37 -7.48 13.59
C ALA B 420 4.29 -7.25 12.09
N LEU B 421 4.40 -8.34 11.34
CA LEU B 421 4.28 -8.26 9.90
C LEU B 421 3.57 -9.49 9.30
N PRO B 422 2.22 -9.50 9.35
CA PRO B 422 1.47 -10.65 8.81
C PRO B 422 1.57 -10.66 7.29
N ILE B 423 1.85 -11.84 6.76
CA ILE B 423 2.04 -12.05 5.36
C ILE B 423 1.20 -13.27 4.92
N ARG B 424 1.18 -13.59 3.61
CA ARG B 424 0.26 -14.62 3.06
C ARG B 424 0.85 -15.26 1.85
N TRP B 425 0.48 -16.50 1.57
CA TRP B 425 0.95 -17.11 0.31
C TRP B 425 -0.07 -18.14 -0.20
N ARG B 426 0.30 -18.90 -1.25
CA ARG B 426 -0.60 -19.88 -1.89
C ARG B 426 -0.26 -21.29 -1.45
N ARG B 427 -1.14 -21.90 -0.62
CA ARG B 427 -0.99 -23.30 -0.17
C ARG B 427 -1.39 -24.28 -1.27
CHA HEM C . -27.25 -1.04 -15.99
CHB HEM C . -22.70 -1.87 -14.64
CHC HEM C . -21.15 -0.82 -19.00
CHD HEM C . -25.51 0.78 -20.07
C1A HEM C . -26.14 -1.38 -15.29
C2A HEM C . -26.16 -1.81 -13.94
C3A HEM C . -24.87 -2.07 -13.58
C4A HEM C . -24.06 -1.78 -14.68
CMA HEM C . -24.39 -2.60 -12.25
CAA HEM C . -27.35 -2.10 -13.08
CBA HEM C . -27.54 -1.03 -12.03
CGA HEM C . -28.65 -1.28 -11.06
O1A HEM C . -28.82 -0.42 -10.18
O2A HEM C . -29.39 -2.30 -11.14
C1B HEM C . -21.85 -1.65 -15.71
C2B HEM C . -20.46 -1.95 -15.69
C3B HEM C . -20.01 -1.65 -16.93
C4B HEM C . -21.19 -1.18 -17.68
CMB HEM C . -19.64 -2.47 -14.51
CAB HEM C . -18.67 -1.66 -17.56
CBB HEM C . -17.59 -1.94 -16.90
C1C HEM C . -22.20 -0.31 -19.71
C2C HEM C . -22.12 0.15 -21.04
C3C HEM C . -23.38 0.63 -21.29
C4C HEM C . -24.16 0.47 -20.16
CMC HEM C . -20.83 0.12 -21.90
CAC HEM C . -23.95 1.21 -22.50
CBC HEM C . -23.36 1.17 -23.66
C1D HEM C . -26.33 0.38 -19.01
C2D HEM C . -27.76 0.61 -19.02
C3D HEM C . -28.27 0.09 -17.90
C4D HEM C . -27.09 -0.46 -17.22
CMD HEM C . -28.51 1.32 -20.11
CAD HEM C . -29.74 0.07 -17.44
CBD HEM C . -30.46 -1.17 -17.94
CGD HEM C . -31.87 -1.33 -17.40
O1D HEM C . -32.57 -2.29 -17.84
O2D HEM C . -32.39 -0.54 -16.58
NA HEM C . -24.84 -1.37 -15.71
NB HEM C . -22.22 -1.27 -16.90
NC HEM C . -23.40 -0.12 -19.24
ND HEM C . -25.94 -0.29 -17.92
FE HEM C . -24.16 -0.78 -17.44
O4 XJO D . -21.46 8.33 -13.64
C26 XJO D . -22.31 8.00 -12.79
C XJO D . -22.82 6.61 -12.62
C24 XJO D . -23.01 9.04 -11.97
C25 XJO D . -22.73 8.78 -10.47
C23 XJO D . -24.46 9.04 -12.56
C21 XJO D . -25.74 8.96 -11.73
C22 XJO D . -25.63 8.30 -10.35
C10 XJO D . -26.89 8.33 -12.56
C8 XJO D . -27.06 6.80 -12.60
C9 XJO D . -28.51 6.38 -12.88
C7 XJO D . -26.18 6.08 -13.56
O1 XJO D . -26.16 6.39 -14.73
O XJO D . -25.40 4.97 -12.99
C4 XJO D . -24.54 4.16 -13.81
C5 XJO D . -25.16 2.76 -13.91
C6 XJO D . -24.24 1.60 -13.62
C2 XJO D . -23.13 4.20 -13.21
C3 XJO D . -23.12 3.74 -11.74
C1 XJO D . -22.52 5.59 -13.43
O2 XJO D . -28.08 8.63 -11.88
C11 XJO D . -28.83 9.85 -12.06
O3 XJO D . -29.03 10.24 -13.20
C12 XJO D . -29.35 10.47 -10.78
C17 XJO D . -30.39 11.54 -10.75
C18 XJO D . -30.97 12.13 -12.01
N XJO D . -31.73 11.15 -12.76
C20 XJO D . -33.04 11.00 -12.16
C19 XJO D . -31.82 11.50 -14.18
C16 XJO D . -30.77 12.03 -9.51
C15 XJO D . -30.23 11.53 -8.32
C14 XJO D . -29.28 10.51 -8.34
C13 XJO D . -28.85 9.99 -9.54
CHA HEM E . 27.91 -0.24 14.74
CHB HEM E . 23.94 -0.48 11.95
CHC HEM E . 24.15 -5.35 12.10
CHD HEM E . 27.58 -5.02 15.51
C1A HEM E . 26.86 0.08 13.92
C2A HEM E . 26.44 1.39 13.64
C3A HEM E . 25.33 1.30 12.88
C4A HEM E . 25.04 -0.05 12.69
CMA HEM E . 24.56 2.44 12.29
CAA HEM E . 27.10 2.70 13.99
CBA HEM E . 26.34 3.52 15.01
CGA HEM E . 26.92 4.88 15.22
O1A HEM E . 27.95 5.29 14.62
O2A HEM E . 26.31 5.59 16.05
C1B HEM E . 23.65 -1.83 11.73
C2B HEM E . 22.63 -2.30 10.88
C3B HEM E . 22.67 -3.66 10.94
C4B HEM E . 23.78 -4.02 11.81
CMB HEM E . 21.67 -1.51 10.10
CAB HEM E . 21.88 -4.69 10.25
CBB HEM E . 21.08 -4.43 9.26
C1C HEM E . 25.10 -5.71 13.04
C2C HEM E . 25.48 -7.03 13.32
C3C HEM E . 26.44 -6.92 14.29
C4C HEM E . 26.65 -5.54 14.62
CMC HEM E . 24.97 -8.33 12.69
CAC HEM E . 27.09 -8.12 14.81
CBC HEM E . 28.19 -8.04 15.51
C1D HEM E . 27.92 -3.67 15.54
C2D HEM E . 28.98 -3.21 16.41
C3D HEM E . 29.07 -1.87 16.22
C4D HEM E . 28.06 -1.53 15.20
CMD HEM E . 29.84 -4.03 17.37
CAD HEM E . 30.07 -0.94 16.89
CBD HEM E . 31.25 -0.61 15.96
CGD HEM E . 32.21 0.38 16.57
O1D HEM E . 31.85 1.13 17.50
O2D HEM E . 33.39 0.46 16.16
NA HEM E . 26.01 -0.79 13.34
NB HEM E . 24.33 -2.90 12.21
NC HEM E . 25.86 -4.85 13.78
ND HEM E . 27.43 -2.65 14.79
FE HEM E . 25.97 -2.77 13.54
O4 XJO F . 18.35 -2.20 20.26
C26 XJO F . 19.14 -1.37 20.73
C XJO F . 20.15 -0.71 19.85
C24 XJO F . 19.09 -1.15 22.22
C25 XJO F . 18.04 -0.08 22.57
C23 XJO F . 20.51 -0.93 22.82
C21 XJO F . 21.04 0.48 23.16
C22 XJO F . 20.37 1.69 22.49
C10 XJO F . 22.58 0.51 23.04
C8 XJO F . 23.24 0.97 21.74
C9 XJO F . 24.58 1.69 21.98
C7 XJO F . 23.44 -0.12 20.71
O1 XJO F . 23.89 -1.20 21.00
O XJO F . 23.10 0.28 19.34
C4 XJO F . 22.84 -0.61 18.25
C5 XJO F . 23.92 -0.31 17.20
C6 XJO F . 23.66 -0.89 15.82
C2 XJO F . 21.42 -0.34 17.71
C3 XJO F . 21.14 1.17 17.53
C1 XJO F . 20.35 -1.02 18.56
O2 XJO F . 22.92 1.60 23.83
C11 XJO F . 23.34 1.45 25.19
O3 XJO F . 24.07 0.51 25.51
C12 XJO F . 22.80 2.58 26.03
C17 XJO F . 23.10 2.71 27.47
C18 XJO F . 23.97 1.68 28.21
N XJO F . 25.35 1.73 27.76
C20 XJO F . 26.00 2.88 28.36
C19 XJO F . 26.06 0.45 28.03
C16 XJO F . 22.52 3.78 28.15
C15 XJO F . 21.69 4.71 27.50
C14 XJO F . 21.41 4.61 26.14
C13 XJO F . 21.97 3.55 25.42
#